data_6ZHG
#
_entry.id   6ZHG
#
_cell.length_a   181.272
_cell.length_b   69.213
_cell.length_c   124.258
_cell.angle_alpha   90.000
_cell.angle_beta   90.000
_cell.angle_gamma   90.000
#
_symmetry.space_group_name_H-M   'P 21 21 2'
#
loop_
_entity.id
_entity.type
_entity.pdbx_description
1 polymer 'Calcium-transporting ATPase'
2 non-polymer 'TETRAFLUOROALUMINATE ION'
3 non-polymer 'MAGNESIUM ION'
4 water water
#
_entity_poly.entity_id   1
_entity_poly.type   'polypeptide(L)'
_entity_poly.pdbx_seq_one_letter_code
;MAEIYRKSAAETFTQLEATEKGLTTSEVTKRQEKYGFNELKNKKKDPLWKLFLETFKDPMVIVLVIAALVQLVLGEVVES
LIIFLVLIVNSIISVVQTRKAESSLDALREMSAPVAKVIRDGSKQSIHARELVPGDVVILDAGDFVPADGRLFESGSLKI
DEGMLTGESEAVEKYIDTIPDEVGLGDRVNMVFSGSLVVYGRGMFVVTGTASETEIGKIAGLLETAEAKQTPLQRKLESF
SKKLGLGILALCVLIFAVEAGRVLLGDNSADMATAILNAFMFAVAVAVAAIPEALSSIVTIVLAVGTNKMAKQHAIIRKL
PAVETLGSTSVICTDKTGTLTQNKMTVVDYYLPDGTKENFPESPENWSEGERRLIHIAVLCNDSNINSEGKELGDPTEVA
LIAFSNKNNQDYNEIREKFIREGEIPFDSDRKLMSTLHTFNENKAMLTKGGPDVMFARCSYVFLDGEEKPMTEEILAKLK
ETNEEFSNQALRVLAYGYKRMPADTTELKLEDEQDIVLVGLTAMIDPPREAVYASIEESKKAGIRTVMITGDHKTTAQAI
GRDIGLMDADDIALTGQELDAMPEEELDKKLEHIAVYARVSPENKIRIVKAWQKKGKITAMTGDGVNDAPALKQADIGVA
MGSGTDVAKDSAAMILTDDNFVSIVDAVGVGRTVFDNIKKSIAYLFAGNLGAIIAILFALVLDWINPFTALQLLFINLVN
DSLPAIALGMEKAEPDVMKRKPRDINEGIFAGGTMRAVISRGVLIGIAVIISQYIGMQISPEMSVAMAFTTLILARTLQT
FAARSNVQTAFGAGFFSNKYVIGAVLLCFVLYGITVLPGAREIFSIPASFGLHEWSIAAGLALAAVVMMEIIKVVQNKFF
KDYDIPTTENLYFQ
;
_entity_poly.pdbx_strand_id   A
#
loop_
_chem_comp.id
_chem_comp.type
_chem_comp.name
_chem_comp.formula
ALF non-polymer 'TETRAFLUOROALUMINATE ION' 'Al F4 -1'
MG non-polymer 'MAGNESIUM ION' 'Mg 2'
#
# COMPACT_ATOMS: atom_id res chain seq x y z
N GLU A 3 30.78 -4.43 -8.49
CA GLU A 3 32.12 -4.15 -9.00
C GLU A 3 33.05 -5.30 -8.61
N ILE A 4 32.75 -5.96 -7.49
CA ILE A 4 33.61 -7.05 -7.03
C ILE A 4 33.31 -8.33 -7.79
N TYR A 5 32.07 -8.51 -8.27
CA TYR A 5 31.72 -9.69 -9.05
C TYR A 5 32.76 -9.99 -10.11
N ARG A 6 33.30 -8.94 -10.73
CA ARG A 6 34.32 -9.13 -11.76
C ARG A 6 35.57 -9.78 -11.17
N LYS A 7 36.00 -9.34 -9.99
CA LYS A 7 37.17 -9.93 -9.36
C LYS A 7 36.88 -11.34 -8.85
N SER A 8 37.86 -12.23 -8.96
CA SER A 8 37.68 -13.60 -8.49
C SER A 8 38.95 -14.16 -7.86
N ALA A 9 38.73 -15.16 -7.01
CA ALA A 9 39.80 -15.91 -6.35
C ALA A 9 40.71 -14.99 -5.55
N ALA A 10 42.03 -15.02 -5.78
CA ALA A 10 42.97 -14.20 -5.01
C ALA A 10 42.68 -12.71 -5.13
N GLU A 11 42.24 -12.25 -6.31
CA GLU A 11 42.00 -10.81 -6.47
C GLU A 11 40.99 -10.32 -5.46
N THR A 12 39.92 -11.08 -5.24
CA THR A 12 38.95 -10.68 -4.22
C THR A 12 39.61 -10.70 -2.85
N PHE A 13 40.43 -11.71 -2.61
CA PHE A 13 41.13 -11.84 -1.33
C PHE A 13 42.23 -10.78 -1.18
N THR A 14 43.04 -10.58 -2.22
CA THR A 14 44.03 -9.51 -2.18
C THR A 14 43.36 -8.14 -2.02
N GLN A 15 42.20 -7.95 -2.64
CA GLN A 15 41.44 -6.72 -2.43
C GLN A 15 41.06 -6.57 -0.96
N LEU A 16 40.80 -7.67 -0.27
CA LEU A 16 40.53 -7.68 1.16
C LEU A 16 41.77 -7.92 2.00
N GLU A 17 42.92 -8.19 1.35
CA GLU A 17 44.19 -8.47 2.03
C GLU A 17 44.02 -9.53 3.12
N ALA A 18 43.03 -10.40 2.95
CA ALA A 18 42.76 -11.45 3.92
C ALA A 18 42.99 -12.82 3.28
N THR A 19 43.44 -13.76 4.11
CA THR A 19 43.77 -15.09 3.64
C THR A 19 42.51 -15.96 3.56
N GLU A 20 42.55 -16.94 2.66
CA GLU A 20 41.34 -17.70 2.34
C GLU A 20 41.04 -18.77 3.38
N LYS A 21 42.04 -19.54 3.78
CA LYS A 21 41.77 -20.70 4.63
C LYS A 21 41.31 -20.29 6.03
N GLY A 22 42.07 -19.43 6.71
CA GLY A 22 41.69 -19.07 8.07
C GLY A 22 42.17 -17.72 8.57
N LEU A 23 41.27 -16.99 9.23
CA LEU A 23 41.60 -15.67 9.77
C LEU A 23 42.63 -15.73 10.89
N THR A 24 42.58 -16.80 11.70
CA THR A 24 43.43 -17.09 12.85
C THR A 24 42.95 -16.32 14.07
N THR A 25 41.83 -15.63 13.98
CA THR A 25 41.10 -14.94 15.04
C THR A 25 41.80 -13.61 15.36
N SER A 26 43.03 -13.41 14.89
CA SER A 26 43.69 -12.14 15.16
C SER A 26 42.99 -11.02 14.41
N GLU A 27 42.68 -11.25 13.14
CA GLU A 27 42.01 -10.22 12.36
C GLU A 27 40.60 -9.95 12.89
N VAL A 28 39.86 -11.01 13.25
CA VAL A 28 38.49 -10.79 13.72
C VAL A 28 38.50 -10.13 15.09
N THR A 29 39.56 -10.35 15.88
CA THR A 29 39.77 -9.56 17.08
C THR A 29 39.75 -8.06 16.75
N LYS A 30 40.28 -7.71 15.57
CA LYS A 30 40.38 -6.34 15.08
C LYS A 30 39.25 -6.00 14.10
N ARG A 31 38.96 -6.93 13.18
CA ARG A 31 37.97 -6.68 12.13
C ARG A 31 36.64 -6.23 12.74
N GLN A 32 36.25 -6.80 13.88
CA GLN A 32 34.97 -6.49 14.49
C GLN A 32 34.91 -5.09 15.10
N GLU A 33 36.05 -4.42 15.22
CA GLU A 33 36.07 -3.06 15.78
C GLU A 33 35.80 -1.99 14.73
N LYS A 34 36.35 -2.14 13.53
CA LYS A 34 36.13 -1.15 12.48
C LYS A 34 34.91 -1.47 11.63
N TYR A 35 34.65 -2.75 11.36
CA TYR A 35 33.52 -3.13 10.52
C TYR A 35 32.26 -3.39 11.32
N GLY A 36 32.39 -3.85 12.57
CA GLY A 36 31.24 -4.17 13.38
C GLY A 36 30.65 -5.54 13.06
N PHE A 37 29.76 -5.98 13.93
CA PHE A 37 29.12 -7.28 13.80
C PHE A 37 28.16 -7.30 12.61
N ASN A 38 27.90 -8.50 12.11
CA ASN A 38 26.92 -8.67 11.04
C ASN A 38 25.56 -8.70 11.70
N GLU A 39 24.99 -7.51 11.84
CA GLU A 39 23.74 -7.34 12.55
C GLU A 39 23.11 -6.04 12.10
N LEU A 40 21.79 -5.96 12.30
CA LEU A 40 21.02 -4.76 11.96
C LEU A 40 20.38 -4.21 13.23
N LYS A 41 20.63 -2.94 13.53
CA LYS A 41 20.07 -2.30 14.72
C LYS A 41 19.44 -0.97 14.38
N ASN A 42 18.22 -0.75 14.89
CA ASN A 42 17.52 0.52 14.72
C ASN A 42 18.13 1.62 15.60
N LYS A 43 17.99 2.87 15.14
CA LYS A 43 18.40 4.04 15.91
C LYS A 43 17.24 5.03 16.06
N LYS A 44 16.01 4.55 16.01
CA LYS A 44 14.87 5.44 16.19
C LYS A 44 14.90 6.06 17.58
N LYS A 45 14.86 7.38 17.64
CA LYS A 45 14.79 8.02 18.95
C LYS A 45 13.37 7.93 19.51
N ASP A 46 12.38 8.18 18.66
CA ASP A 46 10.97 8.18 19.05
C ASP A 46 10.81 8.94 20.35
N PRO A 47 11.32 10.19 20.41
CA PRO A 47 11.25 10.92 21.68
C PRO A 47 9.84 11.40 21.92
N LEU A 48 9.49 11.52 23.20
CA LEU A 48 8.14 11.91 23.55
C LEU A 48 7.94 13.40 23.28
N TRP A 49 8.98 14.20 23.49
CA TRP A 49 8.90 15.63 23.27
C TRP A 49 8.51 15.95 21.84
N LYS A 50 9.21 15.34 20.88
CA LYS A 50 9.03 15.66 19.47
C LYS A 50 7.62 15.34 18.97
N LEU A 51 6.97 14.32 19.54
CA LEU A 51 5.61 14.00 19.09
C LEU A 51 4.66 15.17 19.30
N PHE A 52 4.84 15.90 20.40
CA PHE A 52 3.95 17.00 20.73
C PHE A 52 4.45 18.33 20.20
N LEU A 53 5.75 18.59 20.27
CA LEU A 53 6.25 19.81 19.64
C LEU A 53 5.89 19.83 18.16
N GLU A 54 5.97 18.68 17.48
CA GLU A 54 5.66 18.62 16.06
C GLU A 54 4.18 18.81 15.76
N THR A 55 3.28 18.63 16.74
CA THR A 55 1.86 18.81 16.46
C THR A 55 1.49 20.28 16.33
N PHE A 56 2.30 21.19 16.88
CA PHE A 56 2.03 22.62 16.83
C PHE A 56 2.45 23.24 15.51
N LYS A 57 3.01 22.45 14.60
CA LYS A 57 3.38 22.95 13.28
C LYS A 57 2.15 23.36 12.48
N ASP A 58 0.98 22.81 12.79
CA ASP A 58 -0.26 23.21 12.13
C ASP A 58 -0.63 24.62 12.53
N PRO A 59 -0.72 25.57 11.59
CA PRO A 59 -1.18 26.91 11.97
C PRO A 59 -2.56 26.92 12.59
N MET A 60 -3.43 25.97 12.21
CA MET A 60 -4.74 25.88 12.85
C MET A 60 -4.62 25.64 14.36
N VAL A 61 -3.51 25.06 14.81
CA VAL A 61 -3.38 24.72 16.23
C VAL A 61 -2.83 25.88 17.05
N ILE A 62 -1.87 26.64 16.50
CA ILE A 62 -1.23 27.71 17.27
C ILE A 62 -2.23 28.79 17.67
N VAL A 63 -3.10 29.18 16.74
CA VAL A 63 -4.06 30.23 17.00
C VAL A 63 -5.00 29.87 18.16
N LEU A 64 -5.42 28.60 18.25
CA LEU A 64 -6.30 28.22 19.35
C LEU A 64 -5.56 28.29 20.68
N VAL A 65 -4.27 27.98 20.68
CA VAL A 65 -3.48 28.09 21.90
C VAL A 65 -3.50 29.53 22.40
N ILE A 66 -3.47 30.49 21.47
CA ILE A 66 -3.43 31.89 21.86
C ILE A 66 -4.76 32.29 22.49
N ALA A 67 -5.86 31.93 21.85
CA ALA A 67 -7.17 32.30 22.36
C ALA A 67 -7.46 31.64 23.70
N ALA A 68 -6.92 30.45 23.94
CA ALA A 68 -7.13 29.77 25.21
C ALA A 68 -6.41 30.50 26.34
N LEU A 69 -5.19 30.97 26.10
CA LEU A 69 -4.47 31.69 27.14
C LEU A 69 -5.15 33.02 27.46
N VAL A 70 -5.62 33.73 26.43
CA VAL A 70 -6.39 34.94 26.64
C VAL A 70 -7.61 34.68 27.53
N GLN A 71 -8.32 33.59 27.27
CA GLN A 71 -9.48 33.27 28.11
C GLN A 71 -9.09 33.16 29.58
N LEU A 72 -7.88 32.71 29.89
CA LEU A 72 -7.44 32.62 31.28
C LEU A 72 -7.29 33.99 31.92
N VAL A 73 -6.56 34.90 31.27
CA VAL A 73 -6.34 36.24 31.81
C VAL A 73 -7.67 36.96 32.02
N LEU A 74 -8.61 36.80 31.09
CA LEU A 74 -9.93 37.43 31.23
C LEU A 74 -10.75 36.86 32.37
N GLY A 75 -10.45 35.64 32.82
CA GLY A 75 -11.18 35.04 33.90
C GLY A 75 -12.19 34.00 33.47
N GLU A 76 -12.31 33.76 32.17
CA GLU A 76 -13.19 32.73 31.65
C GLU A 76 -12.40 31.42 31.59
N VAL A 77 -12.15 30.87 32.79
CA VAL A 77 -11.39 29.64 32.90
C VAL A 77 -12.12 28.49 32.22
N VAL A 78 -13.45 28.44 32.38
CA VAL A 78 -14.25 27.39 31.76
C VAL A 78 -13.93 27.29 30.28
N GLU A 79 -14.09 28.42 29.58
CA GLU A 79 -13.90 28.48 28.13
C GLU A 79 -12.47 28.32 27.70
N SER A 80 -11.52 28.36 28.63
CA SER A 80 -10.13 28.09 28.30
C SER A 80 -9.81 26.60 28.33
N LEU A 81 -10.13 25.95 29.45
CA LEU A 81 -9.78 24.55 29.61
C LEU A 81 -10.62 23.62 28.73
N ILE A 82 -11.70 24.12 28.13
CA ILE A 82 -12.36 23.33 27.09
C ILE A 82 -11.53 23.35 25.82
N ILE A 83 -10.90 24.48 25.51
CA ILE A 83 -10.07 24.57 24.32
C ILE A 83 -8.89 23.61 24.44
N PHE A 84 -8.25 23.58 25.60
CA PHE A 84 -7.12 22.68 25.79
C PHE A 84 -7.52 21.22 25.63
N LEU A 85 -8.78 20.88 25.90
CA LEU A 85 -9.21 19.50 25.76
C LEU A 85 -9.25 19.09 24.29
N VAL A 86 -9.95 19.86 23.46
CA VAL A 86 -10.02 19.54 22.03
C VAL A 86 -8.71 19.80 21.30
N LEU A 87 -7.73 20.44 21.94
CA LEU A 87 -6.38 20.45 21.41
C LEU A 87 -5.65 19.16 21.71
N ILE A 88 -5.91 18.55 22.87
CA ILE A 88 -5.39 17.21 23.13
C ILE A 88 -5.96 16.23 22.14
N VAL A 89 -7.22 16.45 21.73
CA VAL A 89 -7.85 15.62 20.71
C VAL A 89 -7.12 15.79 19.38
N ASN A 90 -7.04 17.04 18.89
CA ASN A 90 -6.29 17.32 17.67
C ASN A 90 -4.88 16.77 17.73
N SER A 91 -4.31 16.63 18.92
CA SER A 91 -2.94 16.13 19.07
C SER A 91 -2.89 14.59 19.08
N ILE A 92 -3.64 13.96 19.98
CA ILE A 92 -3.52 12.51 20.10
C ILE A 92 -4.10 11.80 18.90
N ILE A 93 -4.95 12.46 18.12
CA ILE A 93 -5.35 11.89 16.82
C ILE A 93 -4.16 11.85 15.87
N SER A 94 -3.46 12.98 15.72
CA SER A 94 -2.35 13.04 14.77
C SER A 94 -1.10 12.35 15.27
N VAL A 95 -0.96 12.11 16.58
CA VAL A 95 0.27 11.51 17.04
C VAL A 95 0.23 9.99 16.90
N VAL A 96 -0.95 9.38 16.97
CA VAL A 96 -1.03 7.92 16.93
C VAL A 96 -1.19 7.38 15.52
N GLN A 97 -1.65 8.20 14.58
CA GLN A 97 -1.73 7.76 13.19
C GLN A 97 -0.32 7.50 12.65
N THR A 98 0.62 8.40 12.96
CA THR A 98 2.00 8.25 12.52
C THR A 98 2.68 7.06 13.19
N ARG A 99 2.40 6.83 14.49
CA ARG A 99 3.08 5.75 15.21
C ARG A 99 2.84 4.39 14.57
N LYS A 100 1.61 4.14 14.12
CA LYS A 100 1.33 2.88 13.43
C LYS A 100 2.12 2.81 12.12
N ALA A 101 2.27 3.96 11.45
CA ALA A 101 2.98 4.01 10.18
C ALA A 101 4.45 3.56 10.30
N GLU A 102 5.07 3.80 11.46
CA GLU A 102 6.49 3.49 11.61
C GLU A 102 6.81 2.02 11.33
N SER A 103 7.95 1.80 10.67
CA SER A 103 8.47 0.50 10.31
C SER A 103 9.11 -0.20 11.52
N SER A 104 9.33 -1.51 11.35
CA SER A 104 9.89 -2.37 12.39
C SER A 104 10.90 -3.32 11.77
N LEU A 105 12.04 -3.49 12.41
CA LEU A 105 13.01 -4.48 11.95
C LEU A 105 12.71 -5.86 12.48
N ASP A 106 11.58 -6.04 13.16
CA ASP A 106 11.18 -7.38 13.58
C ASP A 106 11.13 -8.31 12.38
N ALA A 107 10.66 -7.81 11.24
CA ALA A 107 10.67 -8.60 10.02
C ALA A 107 12.10 -8.88 9.61
N LEU A 108 12.97 -7.87 9.74
CA LEU A 108 14.38 -8.00 9.43
C LEU A 108 15.01 -9.01 10.37
N ARG A 109 14.58 -9.01 11.63
CA ARG A 109 15.11 -9.95 12.60
C ARG A 109 14.76 -11.36 12.13
N GLU A 110 15.72 -12.27 12.30
CA GLU A 110 15.74 -13.70 11.96
C GLU A 110 15.87 -13.97 10.47
N MET A 111 16.18 -12.94 9.66
CA MET A 111 16.39 -13.18 8.23
C MET A 111 17.62 -14.05 8.00
N SER A 112 18.67 -13.82 8.77
CA SER A 112 19.91 -14.57 8.69
C SER A 112 20.02 -15.48 9.91
N ALA A 113 20.20 -16.77 9.65
CA ALA A 113 20.31 -17.77 10.71
C ALA A 113 21.49 -17.50 11.63
N PRO A 114 21.31 -17.68 12.93
CA PRO A 114 22.44 -17.49 13.85
C PRO A 114 23.64 -18.34 13.46
N VAL A 115 23.42 -19.59 13.06
CA VAL A 115 24.55 -20.51 12.85
C VAL A 115 25.24 -20.19 11.53
N ALA A 116 26.57 -20.29 11.55
CA ALA A 116 27.37 -20.23 10.34
C ALA A 116 28.66 -21.01 10.59
N LYS A 117 28.81 -22.15 9.92
CA LYS A 117 30.07 -22.87 9.94
C LYS A 117 31.16 -22.03 9.29
N VAL A 118 32.17 -21.65 10.07
CA VAL A 118 33.29 -20.84 9.61
C VAL A 118 34.59 -21.42 10.14
N ILE A 119 35.69 -21.11 9.45
CA ILE A 119 36.99 -21.59 9.86
C ILE A 119 37.74 -20.49 10.62
N ARG A 120 37.99 -20.75 11.90
CA ARG A 120 38.72 -19.87 12.79
C ARG A 120 39.92 -20.64 13.30
N ASP A 121 41.11 -20.08 13.12
CA ASP A 121 42.37 -20.73 13.53
C ASP A 121 42.46 -22.11 12.89
N GLY A 122 41.95 -22.21 11.66
CA GLY A 122 42.00 -23.50 10.99
C GLY A 122 41.02 -24.51 11.54
N SER A 123 40.29 -24.15 12.60
CA SER A 123 39.30 -25.00 13.24
C SER A 123 37.94 -24.82 12.57
N LYS A 124 37.28 -25.94 12.27
CA LYS A 124 35.99 -25.89 11.59
C LYS A 124 34.94 -25.77 12.70
N GLN A 125 34.48 -24.55 12.93
CA GLN A 125 33.55 -24.23 14.00
C GLN A 125 32.35 -23.50 13.43
N SER A 126 31.28 -23.49 14.22
CA SER A 126 30.02 -22.87 13.82
C SER A 126 29.72 -21.81 14.86
N ILE A 127 29.67 -20.55 14.45
CA ILE A 127 29.48 -19.43 15.36
C ILE A 127 28.33 -18.58 14.87
N HIS A 128 27.92 -17.65 15.72
CA HIS A 128 26.75 -16.85 15.45
C HIS A 128 27.03 -15.83 14.34
N ALA A 129 26.00 -15.55 13.54
CA ALA A 129 26.15 -14.63 12.42
C ALA A 129 26.58 -13.24 12.87
N ARG A 130 26.33 -12.88 14.13
CA ARG A 130 26.80 -11.60 14.64
C ARG A 130 28.31 -11.47 14.53
N GLU A 131 29.06 -12.49 14.98
CA GLU A 131 30.51 -12.38 14.90
C GLU A 131 31.02 -12.35 13.47
N LEU A 132 30.24 -12.83 12.49
CA LEU A 132 30.72 -12.85 11.12
C LEU A 132 31.15 -11.44 10.71
N VAL A 133 32.33 -11.33 10.12
CA VAL A 133 32.90 -10.03 9.76
C VAL A 133 33.55 -10.17 8.39
N PRO A 134 33.82 -9.07 7.66
CA PRO A 134 34.45 -9.25 6.35
C PRO A 134 35.82 -9.92 6.42
N GLY A 135 36.04 -10.80 5.44
CA GLY A 135 37.23 -11.60 5.32
C GLY A 135 37.09 -12.99 5.90
N ASP A 136 35.97 -13.30 6.54
CA ASP A 136 35.72 -14.62 7.08
C ASP A 136 35.16 -15.56 6.01
N VAL A 137 35.45 -16.85 6.16
CA VAL A 137 35.00 -17.88 5.23
C VAL A 137 33.94 -18.72 5.91
N VAL A 138 32.75 -18.78 5.30
CA VAL A 138 31.62 -19.55 5.79
C VAL A 138 31.39 -20.70 4.81
N ILE A 139 30.90 -21.82 5.33
CA ILE A 139 30.49 -22.92 4.47
C ILE A 139 28.98 -22.99 4.51
N LEU A 140 28.39 -23.40 3.39
CA LEU A 140 26.93 -23.52 3.28
C LEU A 140 26.56 -24.90 2.78
N ASP A 141 26.40 -25.86 3.69
CA ASP A 141 25.57 -27.02 3.40
C ASP A 141 24.15 -26.57 3.15
N ALA A 142 23.35 -27.44 2.54
CA ALA A 142 21.96 -27.12 2.26
C ALA A 142 21.25 -26.69 3.55
N GLY A 143 20.12 -26.00 3.39
CA GLY A 143 19.25 -25.53 4.44
C GLY A 143 19.76 -24.36 5.26
N ASP A 144 20.93 -23.81 4.94
CA ASP A 144 21.48 -22.65 5.62
C ASP A 144 20.76 -21.39 5.14
N PHE A 145 20.87 -20.35 5.93
CA PHE A 145 20.21 -19.09 5.69
C PHE A 145 21.08 -18.00 5.06
N VAL A 146 22.28 -18.32 4.55
CA VAL A 146 23.19 -17.35 3.90
C VAL A 146 23.42 -16.14 4.81
N PRO A 147 23.97 -16.33 6.01
CA PRO A 147 24.05 -15.21 6.96
C PRO A 147 24.77 -13.97 6.43
N ALA A 148 25.82 -14.10 5.64
CA ALA A 148 26.55 -12.94 5.15
C ALA A 148 26.58 -12.88 3.62
N ASP A 149 26.33 -11.68 3.09
CA ASP A 149 26.36 -11.45 1.65
C ASP A 149 27.75 -11.77 1.14
N GLY A 150 27.88 -12.37 -0.04
CA GLY A 150 29.22 -12.69 -0.47
C GLY A 150 29.31 -13.60 -1.66
N ARG A 151 30.55 -13.76 -2.13
CA ARG A 151 30.88 -14.57 -3.31
C ARG A 151 31.59 -15.84 -2.90
N LEU A 152 31.11 -16.97 -3.44
CA LEU A 152 31.66 -18.28 -3.13
C LEU A 152 32.57 -18.83 -4.23
N PHE A 153 33.85 -19.02 -3.87
CA PHE A 153 34.83 -19.56 -4.81
C PHE A 153 34.54 -21.01 -5.19
N GLU A 154 34.13 -21.83 -4.24
CA GLU A 154 33.90 -23.26 -4.48
C GLU A 154 32.41 -23.53 -4.69
N SER A 155 32.09 -24.39 -5.65
CA SER A 155 30.70 -24.70 -5.99
C SER A 155 30.43 -26.18 -5.83
N GLY A 156 29.36 -26.48 -5.11
CA GLY A 156 28.87 -27.82 -4.87
C GLY A 156 27.72 -28.18 -5.78
N SER A 157 27.42 -27.36 -6.80
CA SER A 157 26.31 -27.56 -7.75
C SER A 157 25.07 -27.03 -7.06
N LEU A 158 25.24 -26.41 -5.90
CA LEU A 158 24.15 -25.89 -5.09
C LEU A 158 23.40 -24.69 -5.66
N LYS A 159 22.09 -24.67 -5.37
CA LYS A 159 21.17 -23.63 -5.76
C LYS A 159 20.59 -22.97 -4.51
N ILE A 160 20.65 -21.64 -4.42
CA ILE A 160 20.11 -20.94 -3.27
C ILE A 160 18.85 -20.19 -3.67
N ASP A 161 17.94 -19.97 -2.72
CA ASP A 161 16.71 -19.23 -2.98
C ASP A 161 17.00 -17.76 -2.68
N GLU A 162 16.81 -16.88 -3.66
CA GLU A 162 17.02 -15.46 -3.45
C GLU A 162 15.71 -14.69 -3.30
N GLY A 163 14.60 -15.40 -3.10
CA GLY A 163 13.30 -14.75 -3.04
C GLY A 163 13.24 -13.62 -2.03
N MET A 164 13.89 -13.77 -0.88
CA MET A 164 13.82 -12.70 0.10
C MET A 164 14.39 -11.41 -0.46
N LEU A 165 15.53 -11.49 -1.16
CA LEU A 165 16.07 -10.32 -1.84
C LEU A 165 15.25 -9.95 -3.08
N THR A 166 14.98 -10.93 -3.95
CA THR A 166 14.37 -10.68 -5.26
C THR A 166 12.87 -11.01 -5.35
N GLY A 167 12.37 -11.99 -4.59
CA GLY A 167 10.96 -12.37 -4.61
C GLY A 167 10.61 -13.66 -5.35
N GLU A 168 11.50 -14.19 -6.18
CA GLU A 168 11.21 -15.46 -6.84
C GLU A 168 11.25 -16.62 -5.86
N SER A 169 10.30 -17.54 -6.00
CA SER A 169 10.22 -18.71 -5.14
C SER A 169 11.01 -19.89 -5.69
N GLU A 170 11.69 -19.72 -6.83
CA GLU A 170 12.45 -20.77 -7.48
C GLU A 170 13.95 -20.60 -7.25
N ALA A 171 14.60 -21.70 -6.86
CA ALA A 171 16.04 -21.69 -6.62
C ALA A 171 16.79 -21.40 -7.92
N VAL A 172 17.88 -20.64 -7.82
CA VAL A 172 18.71 -20.26 -8.95
C VAL A 172 20.09 -20.87 -8.78
N GLU A 173 20.61 -21.48 -9.86
CA GLU A 173 21.93 -22.09 -9.81
C GLU A 173 23.01 -21.05 -9.57
N LYS A 174 24.09 -21.48 -8.91
CA LYS A 174 25.20 -20.61 -8.57
C LYS A 174 26.47 -21.18 -9.17
N TYR A 175 27.13 -20.39 -10.04
CA TYR A 175 28.39 -20.76 -10.67
C TYR A 175 29.51 -19.89 -10.12
N ILE A 176 30.68 -20.49 -9.90
CA ILE A 176 31.83 -19.77 -9.37
C ILE A 176 32.61 -19.01 -10.42
N ASP A 177 32.34 -19.26 -11.71
CA ASP A 177 33.07 -18.59 -12.78
C ASP A 177 32.89 -17.08 -12.71
N THR A 178 33.98 -16.37 -12.96
CA THR A 178 33.98 -14.92 -13.00
C THR A 178 33.09 -14.42 -14.12
N ILE A 179 32.43 -13.28 -13.89
CA ILE A 179 31.63 -12.61 -14.90
C ILE A 179 32.27 -11.25 -15.13
N PRO A 180 32.59 -10.89 -16.39
CA PRO A 180 33.24 -9.60 -16.67
C PRO A 180 32.31 -8.47 -17.10
N ASP A 181 30.99 -8.66 -17.06
CA ASP A 181 30.05 -7.68 -17.55
C ASP A 181 29.04 -7.34 -16.46
N GLU A 182 28.41 -6.18 -16.60
CA GLU A 182 27.43 -5.70 -15.63
C GLU A 182 26.08 -6.35 -15.90
N VAL A 183 25.59 -7.13 -14.93
CA VAL A 183 24.31 -7.81 -15.03
C VAL A 183 23.47 -7.40 -13.83
N GLY A 184 22.16 -7.60 -13.95
CA GLY A 184 21.26 -7.24 -12.87
C GLY A 184 21.53 -8.06 -11.62
N LEU A 185 21.40 -7.40 -10.46
CA LEU A 185 21.61 -8.01 -9.15
C LEU A 185 21.05 -9.42 -9.02
N GLY A 186 19.98 -9.73 -9.76
CA GLY A 186 19.38 -11.05 -9.65
C GLY A 186 20.22 -12.12 -10.32
N ASP A 187 20.90 -11.78 -11.42
CA ASP A 187 21.79 -12.71 -12.10
C ASP A 187 23.24 -12.60 -11.62
N ARG A 188 23.45 -12.28 -10.35
CA ARG A 188 24.79 -12.33 -9.76
C ARG A 188 25.03 -13.78 -9.31
N VAL A 189 25.24 -14.62 -10.32
CA VAL A 189 25.32 -16.07 -10.13
C VAL A 189 26.56 -16.47 -9.35
N ASN A 190 27.55 -15.59 -9.23
CA ASN A 190 28.79 -15.93 -8.55
C ASN A 190 28.81 -15.52 -7.07
N MET A 191 27.73 -14.98 -6.52
CA MET A 191 27.76 -14.55 -5.13
C MET A 191 26.40 -14.71 -4.48
N VAL A 192 26.40 -14.78 -3.15
CA VAL A 192 25.17 -14.99 -2.39
C VAL A 192 24.96 -13.75 -1.51
N PHE A 193 23.72 -13.56 -1.05
CA PHE A 193 23.38 -12.41 -0.23
C PHE A 193 22.63 -12.86 1.01
N SER A 194 22.72 -12.05 2.06
CA SER A 194 22.06 -12.34 3.34
C SER A 194 20.54 -12.39 3.23
N GLY A 195 19.94 -13.33 3.96
CA GLY A 195 18.50 -13.55 4.00
C GLY A 195 17.94 -14.54 3.00
N SER A 196 18.75 -14.99 2.05
CA SER A 196 18.39 -15.99 1.07
C SER A 196 18.50 -17.38 1.70
N LEU A 197 17.66 -18.31 1.28
CA LEU A 197 17.79 -19.63 1.87
C LEU A 197 18.47 -20.56 0.88
N VAL A 198 19.53 -21.24 1.31
CA VAL A 198 20.19 -22.24 0.45
C VAL A 198 19.23 -23.40 0.28
N VAL A 199 19.10 -23.88 -0.94
CA VAL A 199 18.14 -24.91 -1.28
C VAL A 199 18.80 -26.27 -1.45
N TYR A 200 19.88 -26.35 -2.22
CA TYR A 200 20.61 -27.56 -2.52
C TYR A 200 22.10 -27.31 -2.49
N GLY A 201 22.87 -28.34 -2.07
CA GLY A 201 24.35 -28.34 -2.05
C GLY A 201 25.10 -27.67 -0.90
N ARG A 202 26.43 -27.77 -0.98
CA ARG A 202 27.34 -27.18 0.00
C ARG A 202 28.39 -26.29 -0.69
N GLY A 203 28.58 -25.08 -0.15
CA GLY A 203 29.53 -24.12 -0.71
C GLY A 203 30.32 -23.35 0.34
N MET A 204 31.44 -22.78 -0.10
CA MET A 204 32.32 -21.92 0.71
C MET A 204 32.34 -20.50 0.12
N PHE A 205 32.05 -19.47 0.92
CA PHE A 205 32.01 -18.10 0.37
C PHE A 205 32.60 -16.99 1.25
N VAL A 206 33.11 -15.94 0.57
CA VAL A 206 33.67 -14.75 1.22
C VAL A 206 32.59 -13.84 1.81
N VAL A 207 32.93 -13.14 2.90
CA VAL A 207 32.02 -12.22 3.59
C VAL A 207 31.64 -10.96 2.77
N THR A 208 32.62 -10.33 2.10
CA THR A 208 32.41 -9.11 1.27
C THR A 208 31.65 -8.01 2.05
N GLY A 209 32.05 -7.79 3.29
CA GLY A 209 31.39 -6.83 4.15
C GLY A 209 30.08 -7.35 4.74
N THR A 210 29.65 -6.70 5.83
CA THR A 210 28.43 -7.09 6.54
C THR A 210 27.59 -5.88 6.94
N ALA A 211 26.48 -6.20 7.61
CA ALA A 211 25.60 -5.24 8.29
C ALA A 211 25.04 -4.26 7.27
N SER A 212 25.26 -2.96 7.41
CA SER A 212 24.64 -1.99 6.50
C SER A 212 25.19 -2.12 5.09
N GLU A 213 26.43 -2.60 4.94
CA GLU A 213 27.00 -2.75 3.60
C GLU A 213 26.26 -3.80 2.80
N THR A 214 25.81 -4.88 3.45
CA THR A 214 25.03 -5.92 2.77
C THR A 214 23.81 -5.34 2.07
N GLU A 215 23.41 -6.00 0.98
CA GLU A 215 22.21 -5.58 0.27
C GLU A 215 20.96 -5.76 1.14
N ILE A 216 20.93 -6.80 1.97
CA ILE A 216 19.89 -6.91 2.98
C ILE A 216 19.95 -5.76 3.97
N GLY A 217 21.12 -5.14 4.14
CA GLY A 217 21.27 -3.97 4.98
C GLY A 217 21.22 -2.66 4.20
N LYS A 218 21.37 -2.76 2.89
CA LYS A 218 21.15 -1.60 2.04
C LYS A 218 19.66 -1.33 1.91
N ILE A 219 18.86 -2.39 1.83
CA ILE A 219 17.41 -2.25 1.87
C ILE A 219 16.98 -1.76 3.24
N ALA A 220 17.69 -2.18 4.29
CA ALA A 220 17.40 -1.70 5.63
C ALA A 220 17.59 -0.20 5.71
N GLY A 221 18.68 0.31 5.12
CA GLY A 221 18.88 1.75 5.07
C GLY A 221 17.84 2.43 4.20
N LEU A 222 17.30 1.72 3.21
CA LEU A 222 16.26 2.29 2.37
C LEU A 222 14.95 2.40 3.15
N LEU A 223 14.61 1.37 3.93
CA LEU A 223 13.43 1.42 4.78
C LEU A 223 13.55 2.51 5.82
N GLU A 224 14.78 2.76 6.29
CA GLU A 224 15.02 3.75 7.33
C GLU A 224 14.57 5.16 6.92
N THR A 225 14.61 5.47 5.62
CA THR A 225 14.24 6.81 5.15
C THR A 225 12.80 7.19 5.47
N ALA A 226 11.85 6.28 5.27
CA ALA A 226 10.42 6.51 5.57
C ALA A 226 9.89 7.82 4.95
N GLU A 227 10.25 8.07 3.70
CA GLU A 227 9.86 9.28 2.96
C GLU A 227 8.38 9.27 2.54
N ALA A 228 7.88 10.48 2.24
CA ALA A 228 6.53 10.84 1.73
C ALA A 228 5.38 10.45 2.66
N LYS A 229 4.36 9.75 2.16
CA LYS A 229 3.16 9.34 2.90
C LYS A 229 2.38 10.53 3.48
N GLN A 230 2.26 11.60 2.69
CA GLN A 230 1.50 12.78 3.11
C GLN A 230 0.11 12.67 2.49
N THR A 231 -0.92 12.81 3.32
CA THR A 231 -2.29 12.65 2.85
C THR A 231 -2.67 13.81 1.94
N PRO A 232 -3.29 13.56 0.78
CA PRO A 232 -3.75 14.68 -0.05
C PRO A 232 -4.60 15.67 0.73
N LEU A 233 -5.59 15.16 1.45
CA LEU A 233 -6.40 16.00 2.34
C LEU A 233 -5.51 16.88 3.23
N GLN A 234 -4.46 16.30 3.81
CA GLN A 234 -3.57 17.06 4.67
C GLN A 234 -2.89 18.21 3.90
N ARG A 235 -2.35 17.92 2.72
CA ARG A 235 -1.80 18.99 1.89
C ARG A 235 -2.89 19.96 1.45
N LYS A 236 -4.01 19.42 0.99
CA LYS A 236 -5.16 20.26 0.66
C LYS A 236 -5.59 21.08 1.88
N LEU A 237 -5.76 20.42 3.03
CA LEU A 237 -6.18 21.15 4.23
C LEU A 237 -5.19 22.27 4.57
N GLU A 238 -3.90 21.96 4.60
CA GLU A 238 -2.91 22.97 5.00
C GLU A 238 -2.77 24.07 3.94
N SER A 239 -2.90 23.71 2.66
CA SER A 239 -2.89 24.71 1.60
C SER A 239 -3.84 25.86 1.92
N PHE A 240 -5.07 25.53 2.30
CA PHE A 240 -6.04 26.53 2.72
C PHE A 240 -6.17 26.62 4.24
N SER A 241 -5.35 25.90 5.01
CA SER A 241 -5.18 26.24 6.42
C SER A 241 -4.23 27.41 6.58
N LYS A 242 -3.16 27.45 5.78
CA LYS A 242 -2.26 28.59 5.78
C LYS A 242 -3.00 29.85 5.35
N LYS A 243 -3.80 29.76 4.28
CA LYS A 243 -4.63 30.88 3.88
C LYS A 243 -5.61 31.25 4.99
N LEU A 244 -6.16 30.25 5.68
CA LEU A 244 -7.02 30.52 6.83
C LEU A 244 -6.21 31.08 7.99
N GLY A 245 -5.11 30.40 8.35
CA GLY A 245 -4.28 30.85 9.45
C GLY A 245 -3.72 32.24 9.28
N LEU A 246 -3.63 32.73 8.04
CA LEU A 246 -3.34 34.13 7.79
C LEU A 246 -4.59 34.97 7.69
N GLY A 247 -5.76 34.35 7.49
CA GLY A 247 -7.01 35.08 7.38
C GLY A 247 -7.52 35.58 8.72
N ILE A 248 -7.43 34.75 9.75
CA ILE A 248 -7.88 35.16 11.08
C ILE A 248 -7.04 36.33 11.58
N LEU A 249 -5.72 36.23 11.41
CA LEU A 249 -4.85 37.29 11.90
C LEU A 249 -5.14 38.62 11.22
N ALA A 250 -5.61 38.58 9.97
CA ALA A 250 -6.05 39.79 9.30
C ALA A 250 -7.25 40.41 10.02
N LEU A 251 -8.14 39.56 10.55
CA LEU A 251 -9.33 40.07 11.21
C LEU A 251 -9.01 40.63 12.58
N CYS A 252 -8.09 39.99 13.30
CA CYS A 252 -7.77 40.45 14.66
C CYS A 252 -7.18 41.85 14.65
N VAL A 253 -6.51 42.25 13.56
CA VAL A 253 -5.96 43.60 13.49
C VAL A 253 -7.07 44.61 13.29
N LEU A 254 -8.06 44.28 12.45
CA LEU A 254 -9.17 45.20 12.21
C LEU A 254 -10.01 45.39 13.47
N ILE A 255 -10.22 44.32 14.23
CA ILE A 255 -11.01 44.42 15.46
C ILE A 255 -10.33 45.37 16.43
N PHE A 256 -9.01 45.25 16.58
CA PHE A 256 -8.28 46.23 17.38
C PHE A 256 -8.31 47.59 16.73
N ALA A 257 -8.15 47.65 15.41
CA ALA A 257 -8.13 48.94 14.72
C ALA A 257 -9.49 49.63 14.79
N VAL A 258 -10.58 48.88 14.62
CA VAL A 258 -11.90 49.49 14.71
C VAL A 258 -12.15 50.04 16.11
N GLU A 259 -11.94 49.20 17.13
CA GLU A 259 -12.16 49.66 18.50
C GLU A 259 -11.11 50.66 18.95
N ALA A 260 -9.92 50.65 18.33
CA ALA A 260 -9.02 51.77 18.50
C ALA A 260 -9.43 52.94 17.60
N GLY A 261 -10.07 52.65 16.47
CA GLY A 261 -10.67 53.72 15.69
C GLY A 261 -11.88 54.33 16.35
N ARG A 262 -12.46 53.64 17.33
CA ARG A 262 -13.62 54.16 18.05
C ARG A 262 -13.24 54.96 19.29
N VAL A 263 -11.97 54.92 19.70
CA VAL A 263 -11.54 55.73 20.83
C VAL A 263 -11.02 57.08 20.35
N LEU A 264 -10.42 57.12 19.15
CA LEU A 264 -9.95 58.39 18.62
C LEU A 264 -11.12 59.35 18.40
N LEU A 265 -12.25 58.82 17.94
CA LEU A 265 -13.47 59.57 17.69
C LEU A 265 -14.40 59.53 18.90
N GLY A 266 -13.94 58.96 20.02
CA GLY A 266 -14.75 58.85 21.21
C GLY A 266 -15.19 60.20 21.73
N ASP A 267 -16.46 60.31 22.07
CA ASP A 267 -17.02 61.56 22.53
C ASP A 267 -16.75 61.75 24.02
N ASN A 268 -16.25 62.94 24.36
CA ASN A 268 -15.90 63.36 25.73
C ASN A 268 -15.04 62.26 26.36
N SER A 269 -15.36 61.81 27.57
CA SER A 269 -14.60 60.74 28.20
C SER A 269 -14.82 59.40 27.49
N ALA A 270 -13.72 58.69 27.29
CA ALA A 270 -13.71 57.38 26.67
C ALA A 270 -12.80 56.49 27.51
N ASP A 271 -13.29 55.30 27.85
CA ASP A 271 -12.51 54.35 28.64
C ASP A 271 -11.79 53.44 27.67
N MET A 272 -10.46 53.60 27.59
CA MET A 272 -9.70 52.78 26.67
C MET A 272 -9.59 51.34 27.17
N ALA A 273 -9.58 51.15 28.49
CA ALA A 273 -9.44 49.80 29.02
C ALA A 273 -10.63 48.93 28.65
N THR A 274 -11.82 49.52 28.54
CA THR A 274 -12.99 48.74 28.18
C THR A 274 -12.98 48.41 26.69
N ALA A 275 -12.73 49.42 25.84
CA ALA A 275 -12.68 49.18 24.40
C ALA A 275 -11.60 48.17 24.02
N ILE A 276 -10.46 48.17 24.73
CA ILE A 276 -9.48 47.12 24.53
C ILE A 276 -10.07 45.77 24.94
N LEU A 277 -10.60 45.70 26.16
CA LEU A 277 -11.21 44.45 26.61
C LEU A 277 -12.42 44.10 25.76
N ASN A 278 -13.17 45.12 25.33
CA ASN A 278 -14.26 44.90 24.38
C ASN A 278 -13.73 44.31 23.09
N ALA A 279 -12.54 44.74 22.66
CA ALA A 279 -11.95 44.23 21.42
C ALA A 279 -11.52 42.78 21.57
N PHE A 280 -10.98 42.42 22.74
CA PHE A 280 -10.53 41.06 22.96
C PHE A 280 -11.71 40.09 22.89
N MET A 281 -12.81 40.42 23.56
CA MET A 281 -14.02 39.60 23.49
C MET A 281 -14.44 39.35 22.04
N PHE A 282 -14.35 40.35 21.17
CA PHE A 282 -14.60 40.09 19.76
C PHE A 282 -13.46 39.30 19.12
N ALA A 283 -12.22 39.67 19.41
CA ALA A 283 -11.09 39.02 18.76
C ALA A 283 -11.05 37.53 19.09
N VAL A 284 -11.13 37.20 20.37
CA VAL A 284 -11.17 35.79 20.77
C VAL A 284 -12.40 35.11 20.19
N ALA A 285 -13.53 35.81 20.14
CA ALA A 285 -14.75 35.21 19.59
C ALA A 285 -14.58 34.85 18.12
N VAL A 286 -13.95 35.73 17.35
CA VAL A 286 -13.78 35.44 15.92
C VAL A 286 -12.88 34.23 15.73
N ALA A 287 -11.75 34.19 16.44
CA ALA A 287 -10.82 33.07 16.28
C ALA A 287 -11.49 31.75 16.64
N VAL A 288 -12.28 31.75 17.71
CA VAL A 288 -13.05 30.56 18.07
C VAL A 288 -14.05 30.21 16.97
N ALA A 289 -14.82 31.21 16.52
CA ALA A 289 -15.86 30.96 15.52
C ALA A 289 -15.29 30.50 14.17
N ALA A 290 -14.08 30.94 13.83
CA ALA A 290 -13.51 30.58 12.53
C ALA A 290 -13.15 29.11 12.48
N ILE A 291 -12.17 28.72 13.29
CA ILE A 291 -11.58 27.38 13.30
C ILE A 291 -12.61 26.31 13.63
N PRO A 292 -12.57 25.17 12.95
CA PRO A 292 -13.48 24.06 13.27
C PRO A 292 -12.83 23.15 14.29
N GLU A 293 -13.29 23.22 15.53
CA GLU A 293 -12.70 22.42 16.62
C GLU A 293 -12.89 20.93 16.38
N ALA A 294 -14.06 20.54 15.85
CA ALA A 294 -14.38 19.13 15.65
C ALA A 294 -13.77 18.54 14.38
N LEU A 295 -13.26 19.37 13.46
CA LEU A 295 -12.87 18.90 12.13
C LEU A 295 -11.92 17.70 12.18
N SER A 296 -10.87 17.80 13.00
CA SER A 296 -9.95 16.67 13.11
C SER A 296 -10.66 15.43 13.63
N SER A 297 -11.52 15.60 14.62
CA SER A 297 -12.23 14.46 15.19
C SER A 297 -13.28 13.90 14.24
N ILE A 298 -13.79 14.70 13.30
CA ILE A 298 -14.84 14.20 12.39
C ILE A 298 -14.23 13.43 11.24
N VAL A 299 -13.17 13.96 10.63
CA VAL A 299 -12.51 13.25 9.55
C VAL A 299 -12.01 11.90 10.04
N THR A 300 -11.44 11.87 11.24
CA THR A 300 -11.00 10.62 11.84
C THR A 300 -12.14 9.62 12.01
N ILE A 301 -13.38 10.07 12.06
CA ILE A 301 -14.51 9.17 12.18
C ILE A 301 -14.98 8.67 10.83
N VAL A 302 -15.15 9.56 9.85
CA VAL A 302 -15.61 9.12 8.53
C VAL A 302 -14.63 8.16 7.90
N LEU A 303 -13.33 8.33 8.15
CA LEU A 303 -12.36 7.37 7.66
C LEU A 303 -12.50 6.01 8.33
N ALA A 304 -13.12 5.96 9.51
CA ALA A 304 -13.38 4.70 10.19
C ALA A 304 -14.53 3.95 9.57
N VAL A 305 -15.34 4.62 8.74
CA VAL A 305 -16.35 3.93 7.97
C VAL A 305 -15.74 3.26 6.74
N GLY A 306 -14.74 3.91 6.14
CA GLY A 306 -14.03 3.29 5.03
C GLY A 306 -13.31 2.02 5.45
N THR A 307 -12.54 2.09 6.54
CA THR A 307 -11.88 0.89 7.05
C THR A 307 -12.87 -0.18 7.49
N ASN A 308 -14.13 0.18 7.70
CA ASN A 308 -15.15 -0.80 8.05
C ASN A 308 -15.79 -1.40 6.81
N LYS A 309 -16.05 -0.59 5.77
CA LYS A 309 -16.59 -1.14 4.54
C LYS A 309 -15.59 -2.02 3.81
N MET A 310 -14.29 -1.72 3.94
CA MET A 310 -13.28 -2.60 3.35
C MET A 310 -12.98 -3.80 4.22
N ALA A 311 -13.40 -3.77 5.49
CA ALA A 311 -13.24 -4.94 6.33
C ALA A 311 -14.14 -6.07 5.87
N LYS A 312 -15.34 -5.73 5.40
CA LYS A 312 -16.28 -6.74 4.89
C LYS A 312 -15.87 -7.32 3.53
N GLN A 313 -14.84 -6.80 2.88
CA GLN A 313 -14.32 -7.40 1.66
C GLN A 313 -12.93 -7.97 1.89
N HIS A 314 -12.65 -8.36 3.14
CA HIS A 314 -11.37 -8.90 3.57
C HIS A 314 -10.19 -8.03 3.16
N ALA A 315 -10.37 -6.71 3.25
CA ALA A 315 -9.30 -5.76 3.00
C ALA A 315 -9.03 -5.01 4.30
N ILE A 316 -7.86 -5.22 4.89
CA ILE A 316 -7.50 -4.65 6.18
C ILE A 316 -6.68 -3.39 5.95
N ILE A 317 -7.08 -2.30 6.61
CA ILE A 317 -6.40 -1.02 6.51
C ILE A 317 -5.85 -0.66 7.88
N ARG A 318 -4.54 -0.42 7.95
CA ARG A 318 -3.91 -0.12 9.23
C ARG A 318 -3.90 1.36 9.58
N LYS A 319 -4.06 2.24 8.61
CA LYS A 319 -4.04 3.68 8.84
C LYS A 319 -5.27 4.32 8.22
N LEU A 320 -6.02 5.05 9.04
CA LEU A 320 -7.28 5.62 8.58
C LEU A 320 -7.14 6.57 7.39
N PRO A 321 -6.24 7.56 7.39
CA PRO A 321 -6.23 8.53 6.28
C PRO A 321 -5.92 7.92 4.93
N ALA A 322 -5.45 6.67 4.88
CA ALA A 322 -5.09 6.06 3.61
C ALA A 322 -6.31 5.78 2.74
N VAL A 323 -7.47 5.55 3.34
CA VAL A 323 -8.67 5.27 2.56
C VAL A 323 -9.04 6.47 1.69
N GLU A 324 -8.73 7.69 2.13
CA GLU A 324 -8.90 8.83 1.24
C GLU A 324 -7.83 8.85 0.15
N THR A 325 -6.60 8.42 0.49
CA THR A 325 -5.54 8.38 -0.50
C THR A 325 -5.93 7.49 -1.68
N LEU A 326 -6.75 6.46 -1.43
CA LEU A 326 -7.19 5.58 -2.50
C LEU A 326 -8.00 6.33 -3.54
N GLY A 327 -8.85 7.26 -3.10
CA GLY A 327 -9.70 7.98 -4.02
C GLY A 327 -8.93 8.76 -5.07
N SER A 328 -7.81 9.35 -4.68
CA SER A 328 -7.03 10.16 -5.61
C SER A 328 -5.94 9.39 -6.34
N THR A 329 -5.82 8.07 -6.14
CA THR A 329 -4.76 7.32 -6.79
C THR A 329 -4.89 7.37 -8.30
N SER A 330 -3.74 7.42 -8.97
CA SER A 330 -3.69 7.44 -10.42
C SER A 330 -2.66 6.49 -11.02
N VAL A 331 -1.80 5.87 -10.20
CA VAL A 331 -0.76 4.97 -10.67
C VAL A 331 -0.72 3.75 -9.76
N ILE A 332 -0.98 2.57 -10.32
CA ILE A 332 -0.86 1.31 -9.60
C ILE A 332 0.40 0.59 -10.06
N CYS A 333 1.29 0.31 -9.12
CA CYS A 333 2.50 -0.48 -9.36
C CYS A 333 2.36 -1.80 -8.61
N THR A 334 2.63 -2.92 -9.28
CA THR A 334 2.37 -4.23 -8.71
C THR A 334 3.62 -5.11 -8.71
N ASP A 335 3.43 -6.38 -8.32
CA ASP A 335 4.46 -7.39 -8.29
C ASP A 335 3.96 -8.58 -9.11
N LYS A 336 4.79 -9.09 -10.01
CA LYS A 336 4.37 -10.19 -10.88
C LYS A 336 4.15 -11.51 -10.13
N THR A 337 5.11 -11.94 -9.32
CA THR A 337 4.96 -13.21 -8.63
C THR A 337 4.74 -12.99 -7.14
N GLY A 338 3.88 -13.82 -6.57
CA GLY A 338 3.48 -13.66 -5.19
C GLY A 338 2.27 -12.79 -4.97
N THR A 339 1.96 -11.91 -5.93
CA THR A 339 0.84 -10.99 -5.81
C THR A 339 -0.12 -11.13 -7.00
N LEU A 340 0.28 -10.73 -8.21
CA LEU A 340 -0.59 -10.95 -9.36
C LEU A 340 -0.87 -12.42 -9.60
N THR A 341 0.02 -13.29 -9.14
CA THR A 341 -0.20 -14.73 -9.16
C THR A 341 -0.56 -15.26 -7.77
N GLN A 342 -0.93 -16.54 -7.74
CA GLN A 342 -0.92 -17.38 -6.55
C GLN A 342 0.44 -17.97 -6.21
N ASN A 343 1.48 -17.72 -7.01
CA ASN A 343 2.79 -18.33 -6.81
C ASN A 343 2.67 -19.85 -6.86
N LYS A 344 2.00 -20.34 -7.91
CA LYS A 344 1.65 -21.75 -8.09
C LYS A 344 1.65 -22.01 -9.58
N MET A 345 2.45 -22.96 -10.04
CA MET A 345 2.58 -23.28 -11.46
C MET A 345 1.87 -24.57 -11.83
N THR A 346 1.47 -24.64 -13.09
CA THR A 346 0.74 -25.77 -13.69
C THR A 346 0.96 -25.63 -15.19
N VAL A 347 0.28 -26.44 -16.00
CA VAL A 347 0.44 -26.37 -17.45
C VAL A 347 -0.89 -26.71 -18.11
N VAL A 348 -1.14 -26.00 -19.22
CA VAL A 348 -2.33 -26.21 -20.03
C VAL A 348 -1.98 -26.83 -21.38
N ASP A 349 -0.75 -26.69 -21.86
CA ASP A 349 -0.37 -27.18 -23.18
C ASP A 349 0.76 -28.22 -23.10
N TYR A 350 0.36 -29.48 -23.05
CA TYR A 350 1.29 -30.59 -23.06
C TYR A 350 1.58 -30.95 -24.52
N TYR A 351 2.80 -31.42 -24.77
CA TYR A 351 3.16 -31.91 -26.10
C TYR A 351 3.38 -33.41 -26.05
N LEU A 352 2.59 -34.13 -26.85
CA LEU A 352 2.65 -35.57 -27.02
C LEU A 352 2.29 -35.75 -28.48
N PRO A 353 2.84 -36.75 -29.16
CA PRO A 353 2.56 -36.83 -30.61
C PRO A 353 1.09 -37.04 -30.90
N ASP A 354 0.46 -37.99 -30.23
CA ASP A 354 -0.95 -38.31 -30.47
C ASP A 354 -1.91 -37.18 -30.08
N GLY A 355 -1.76 -36.59 -28.89
CA GLY A 355 -2.74 -35.58 -28.47
C GLY A 355 -2.84 -34.32 -29.33
N THR A 356 -1.71 -33.67 -29.65
CA THR A 356 -1.76 -32.49 -30.54
C THR A 356 -2.79 -31.41 -30.14
N LYS A 357 -2.90 -31.09 -28.84
CA LYS A 357 -3.88 -30.09 -28.39
C LYS A 357 -3.25 -28.94 -27.61
N GLU A 358 -3.51 -27.70 -28.04
CA GLU A 358 -2.97 -26.58 -27.28
C GLU A 358 -3.65 -26.50 -25.92
N ASN A 359 -4.98 -26.71 -25.91
CA ASN A 359 -5.84 -26.69 -24.71
C ASN A 359 -5.64 -27.90 -23.80
N PHE A 360 -5.94 -27.72 -22.50
CA PHE A 360 -5.81 -28.79 -21.53
C PHE A 360 -7.14 -29.35 -21.07
N PRO A 361 -7.30 -30.66 -21.22
CA PRO A 361 -8.53 -31.35 -20.80
C PRO A 361 -8.27 -32.18 -19.56
N GLU A 362 -9.11 -32.11 -18.52
CA GLU A 362 -8.88 -32.88 -17.32
C GLU A 362 -9.87 -34.04 -17.27
N SER A 363 -9.36 -35.27 -17.17
CA SER A 363 -10.22 -36.44 -17.13
C SER A 363 -9.78 -37.44 -16.07
N PRO A 364 -10.71 -38.24 -15.54
CA PRO A 364 -10.42 -39.29 -14.53
C PRO A 364 -9.95 -40.61 -15.15
N GLU A 365 -8.68 -40.60 -15.59
CA GLU A 365 -7.86 -41.65 -16.24
C GLU A 365 -8.19 -41.85 -17.72
N ASN A 366 -9.08 -41.03 -18.30
CA ASN A 366 -9.43 -41.09 -19.71
C ASN A 366 -8.74 -39.99 -20.51
N TRP A 367 -7.89 -39.19 -19.85
CA TRP A 367 -7.16 -38.09 -20.47
C TRP A 367 -6.22 -38.56 -21.56
N SER A 368 -5.56 -39.67 -21.32
CA SER A 368 -4.58 -40.21 -22.23
C SER A 368 -5.00 -41.50 -22.88
N GLU A 369 -4.89 -41.53 -24.21
CA GLU A 369 -5.22 -42.72 -24.98
C GLU A 369 -4.40 -43.89 -24.45
N GLY A 370 -5.08 -44.93 -23.99
CA GLY A 370 -4.34 -46.05 -23.42
C GLY A 370 -3.91 -45.72 -22.01
N GLU A 371 -3.93 -46.71 -21.13
CA GLU A 371 -3.57 -46.50 -19.73
C GLU A 371 -2.13 -46.03 -19.54
N ARG A 372 -1.27 -46.27 -20.53
CA ARG A 372 0.17 -46.05 -20.40
C ARG A 372 0.64 -44.61 -20.71
N ARG A 373 -0.04 -43.89 -21.61
CA ARG A 373 0.51 -42.64 -22.14
C ARG A 373 0.64 -41.54 -21.06
N LEU A 374 -0.43 -41.25 -20.29
CA LEU A 374 -0.34 -40.16 -19.30
C LEU A 374 0.61 -40.48 -18.16
N ILE A 375 0.67 -41.74 -17.73
CA ILE A 375 1.55 -42.06 -16.63
C ILE A 375 3.02 -41.92 -17.02
N HIS A 376 3.34 -42.13 -18.31
CA HIS A 376 4.73 -42.08 -18.75
C HIS A 376 5.35 -40.69 -18.74
N ILE A 377 4.53 -39.63 -18.74
CA ILE A 377 5.11 -38.28 -18.75
C ILE A 377 5.96 -38.04 -17.52
N ALA A 378 5.47 -38.38 -16.32
CA ALA A 378 6.25 -38.21 -15.09
C ALA A 378 5.82 -39.24 -14.05
N VAL A 379 6.00 -40.53 -14.34
CA VAL A 379 5.57 -41.56 -13.38
C VAL A 379 6.34 -41.49 -12.07
N LEU A 380 7.68 -41.37 -12.11
CA LEU A 380 8.47 -41.32 -10.89
C LEU A 380 9.48 -40.18 -10.82
N CYS A 381 9.39 -39.20 -11.73
CA CYS A 381 10.37 -38.11 -11.76
C CYS A 381 10.28 -37.20 -10.53
N ASN A 382 9.06 -36.90 -10.07
CA ASN A 382 8.90 -35.96 -8.96
C ASN A 382 9.42 -36.51 -7.63
N ASP A 383 9.98 -35.60 -6.82
CA ASP A 383 10.45 -35.89 -5.46
C ASP A 383 9.69 -35.10 -4.39
N SER A 384 8.58 -34.45 -4.73
CA SER A 384 7.86 -33.60 -3.80
C SER A 384 6.91 -34.41 -2.91
N ASN A 385 6.46 -33.77 -1.83
CA ASN A 385 5.64 -34.41 -0.82
C ASN A 385 4.54 -33.48 -0.36
N ILE A 386 3.33 -34.01 -0.24
CA ILE A 386 2.17 -33.27 0.25
C ILE A 386 1.83 -33.85 1.61
N ASN A 387 1.81 -33.00 2.63
CA ASN A 387 1.50 -33.43 3.99
C ASN A 387 -0.01 -33.47 4.21
N SER A 388 -0.40 -33.85 5.43
CA SER A 388 -1.83 -33.89 5.76
C SER A 388 -2.42 -32.50 5.63
N GLU A 389 -1.70 -31.48 6.10
CA GLU A 389 -2.14 -30.11 5.93
C GLU A 389 -2.20 -29.75 4.45
N GLY A 390 -1.22 -30.22 3.67
CA GLY A 390 -1.17 -29.95 2.25
C GLY A 390 -0.28 -28.79 1.89
N LYS A 391 0.48 -28.26 2.84
CA LYS A 391 1.36 -27.13 2.58
C LYS A 391 2.47 -27.47 1.58
N GLU A 392 2.75 -26.51 0.71
CA GLU A 392 3.80 -26.63 -0.29
C GLU A 392 5.10 -27.11 0.34
N LEU A 393 5.78 -28.02 -0.36
CA LEU A 393 7.09 -28.50 0.09
C LEU A 393 7.78 -29.24 -1.04
N GLY A 394 9.03 -28.89 -1.30
CA GLY A 394 9.79 -29.46 -2.39
C GLY A 394 10.28 -28.41 -3.35
N ASP A 395 11.00 -28.87 -4.36
CA ASP A 395 11.41 -27.99 -5.44
C ASP A 395 10.16 -27.48 -6.14
N PRO A 396 10.07 -26.19 -6.47
CA PRO A 396 8.80 -25.68 -7.02
C PRO A 396 8.47 -26.23 -8.39
N THR A 397 9.47 -26.37 -9.28
CA THR A 397 9.20 -26.89 -10.60
C THR A 397 8.54 -28.27 -10.53
N GLU A 398 8.94 -29.08 -9.54
CA GLU A 398 8.47 -30.47 -9.44
C GLU A 398 7.11 -30.61 -8.77
N VAL A 399 6.69 -29.63 -7.96
CA VAL A 399 5.41 -29.80 -7.26
C VAL A 399 4.24 -29.68 -8.24
N ALA A 400 4.44 -28.99 -9.36
CA ALA A 400 3.38 -28.84 -10.35
C ALA A 400 3.01 -30.17 -10.98
N LEU A 401 3.88 -31.17 -10.89
CA LEU A 401 3.59 -32.49 -11.44
C LEU A 401 2.46 -33.17 -10.67
N ILE A 402 2.67 -33.47 -9.38
CA ILE A 402 1.60 -34.12 -8.62
C ILE A 402 0.39 -33.19 -8.48
N ALA A 403 0.62 -31.88 -8.57
CA ALA A 403 -0.50 -30.94 -8.64
C ALA A 403 -1.30 -31.15 -9.92
N PHE A 404 -0.58 -31.31 -11.03
CA PHE A 404 -1.19 -31.70 -12.29
C PHE A 404 -2.04 -32.96 -12.12
N SER A 405 -1.50 -33.95 -11.39
CA SER A 405 -2.23 -35.20 -11.16
C SER A 405 -3.48 -34.96 -10.29
N ASN A 406 -3.35 -34.11 -9.26
CA ASN A 406 -4.49 -33.80 -8.41
C ASN A 406 -5.51 -32.93 -9.14
N LYS A 407 -5.05 -32.05 -10.03
CA LYS A 407 -5.97 -31.29 -10.88
C LYS A 407 -6.71 -32.20 -11.85
N ASN A 408 -6.18 -33.39 -12.13
CA ASN A 408 -6.85 -34.37 -12.96
C ASN A 408 -7.65 -35.37 -12.15
N ASN A 409 -7.93 -35.06 -10.88
CA ASN A 409 -8.74 -35.92 -10.01
C ASN A 409 -8.17 -37.35 -10.00
N GLN A 410 -6.85 -37.44 -9.87
CA GLN A 410 -6.15 -38.72 -9.82
C GLN A 410 -5.14 -38.67 -8.68
N ASP A 411 -5.40 -39.46 -7.63
CA ASP A 411 -4.57 -39.43 -6.44
C ASP A 411 -3.13 -39.82 -6.77
N TYR A 412 -2.18 -39.21 -6.04
CA TYR A 412 -0.77 -39.55 -6.18
C TYR A 412 -0.31 -40.64 -5.22
N ASN A 413 -1.07 -40.90 -4.14
CA ASN A 413 -0.70 -41.94 -3.19
C ASN A 413 -1.08 -43.32 -3.69
N GLU A 414 -2.01 -43.40 -4.65
CA GLU A 414 -2.46 -44.67 -5.17
C GLU A 414 -1.54 -45.20 -6.27
N ILE A 415 -0.75 -44.33 -6.89
CA ILE A 415 0.24 -44.74 -7.89
C ILE A 415 1.68 -44.70 -7.35
N ARG A 416 1.94 -43.97 -6.27
CA ARG A 416 3.28 -43.96 -5.69
C ARG A 416 3.63 -45.29 -5.05
N GLU A 417 2.63 -46.00 -4.55
CA GLU A 417 2.84 -47.31 -3.94
C GLU A 417 2.70 -48.46 -4.93
N LYS A 418 1.97 -48.26 -6.04
CA LYS A 418 1.80 -49.31 -7.04
C LYS A 418 3.13 -49.68 -7.70
N PHE A 419 3.91 -48.69 -8.12
CA PHE A 419 5.24 -48.92 -8.67
C PHE A 419 6.27 -48.25 -7.77
N ILE A 420 7.34 -48.96 -7.46
CA ILE A 420 8.30 -48.56 -6.44
C ILE A 420 9.66 -48.26 -7.05
N ARG A 421 10.29 -47.19 -6.56
CA ARG A 421 11.64 -46.83 -6.94
C ARG A 421 12.67 -47.88 -6.51
N GLU A 422 13.56 -48.24 -7.44
CA GLU A 422 14.65 -49.16 -7.18
C GLU A 422 16.02 -48.56 -7.51
N GLY A 423 16.04 -47.50 -8.32
CA GLY A 423 17.27 -46.92 -8.83
C GLY A 423 18.12 -46.20 -7.80
N GLU A 424 19.42 -46.11 -8.13
CA GLU A 424 20.39 -45.43 -7.28
C GLU A 424 20.07 -43.94 -7.14
N ILE A 425 19.59 -43.33 -8.22
CA ILE A 425 19.33 -41.88 -8.32
C ILE A 425 20.63 -41.09 -8.48
N PRO A 426 21.37 -41.24 -9.57
CA PRO A 426 22.66 -40.56 -9.68
C PRO A 426 22.47 -39.06 -9.39
N PHE A 427 23.29 -38.53 -8.49
CA PHE A 427 23.16 -37.14 -8.06
C PHE A 427 23.06 -36.19 -9.25
N ASP A 428 22.34 -35.09 -9.02
CA ASP A 428 22.14 -34.08 -10.04
C ASP A 428 23.25 -33.05 -9.92
N SER A 429 23.75 -32.58 -11.05
CA SER A 429 24.80 -31.56 -11.08
C SER A 429 24.48 -30.58 -12.20
N ASP A 430 25.33 -29.55 -12.30
CA ASP A 430 25.13 -28.49 -13.28
C ASP A 430 25.03 -29.03 -14.70
N ARG A 431 25.83 -30.05 -15.03
CA ARG A 431 25.83 -30.65 -16.36
C ARG A 431 24.95 -31.88 -16.44
N LYS A 432 24.92 -32.68 -15.38
CA LYS A 432 24.17 -33.92 -15.34
C LYS A 432 22.71 -33.66 -14.95
N LEU A 433 21.86 -34.63 -15.25
CA LEU A 433 20.45 -34.57 -14.88
C LEU A 433 20.12 -35.83 -14.08
N MET A 434 19.55 -35.64 -12.89
CA MET A 434 19.23 -36.75 -12.02
C MET A 434 18.16 -37.65 -12.64
N SER A 435 18.31 -38.96 -12.45
CA SER A 435 17.38 -39.94 -12.98
C SER A 435 17.22 -41.10 -12.02
N THR A 436 16.11 -41.85 -12.14
CA THR A 436 15.85 -42.98 -11.25
C THR A 436 15.44 -44.26 -12.01
N LEU A 437 15.67 -45.44 -11.40
CA LEU A 437 15.30 -46.73 -11.98
C LEU A 437 14.28 -47.45 -11.11
N HIS A 438 13.27 -48.06 -11.72
CA HIS A 438 12.22 -48.79 -11.00
C HIS A 438 12.05 -50.17 -11.63
N THR A 439 11.48 -51.10 -10.86
CA THR A 439 11.24 -52.46 -11.32
C THR A 439 9.75 -52.71 -11.52
N PHE A 440 9.39 -53.29 -12.68
CA PHE A 440 8.00 -53.58 -13.04
C PHE A 440 7.60 -55.02 -12.73
N ASN A 441 6.32 -55.27 -13.00
CA ASN A 441 5.71 -56.58 -12.79
C ASN A 441 6.55 -57.71 -13.40
N GLU A 442 6.92 -57.59 -14.68
CA GLU A 442 7.80 -58.58 -15.30
C GLU A 442 9.04 -58.03 -16.01
N ASN A 443 9.34 -56.74 -15.90
CA ASN A 443 10.53 -56.19 -16.57
C ASN A 443 11.00 -54.96 -15.79
N LYS A 444 12.00 -54.23 -16.34
CA LYS A 444 12.51 -53.05 -15.66
C LYS A 444 12.72 -51.88 -16.61
N ALA A 445 12.65 -50.67 -16.05
CA ALA A 445 12.87 -49.40 -16.76
C ALA A 445 13.71 -48.47 -15.90
N MET A 446 14.37 -47.50 -16.56
CA MET A 446 15.17 -46.43 -15.95
C MET A 446 14.53 -45.08 -16.27
N LEU A 447 14.30 -44.22 -15.28
CA LEU A 447 13.65 -42.92 -15.52
C LEU A 447 14.62 -41.77 -15.58
N THR A 448 14.58 -41.05 -16.68
CA THR A 448 15.44 -39.90 -16.91
C THR A 448 14.55 -38.72 -17.25
N LYS A 449 14.81 -37.62 -16.56
CA LYS A 449 14.13 -36.34 -16.74
C LYS A 449 15.20 -35.31 -17.04
N GLY A 450 15.11 -34.65 -18.20
CA GLY A 450 16.17 -33.80 -18.68
C GLY A 450 15.66 -32.44 -19.14
N GLY A 451 16.62 -31.56 -19.41
CA GLY A 451 16.36 -30.29 -20.03
C GLY A 451 16.51 -30.39 -21.53
N PRO A 452 15.51 -29.90 -22.26
CA PRO A 452 15.44 -30.15 -23.72
C PRO A 452 16.66 -29.67 -24.49
N ASP A 453 17.40 -28.69 -23.98
CA ASP A 453 18.58 -28.24 -24.70
C ASP A 453 19.73 -29.23 -24.57
N VAL A 454 19.86 -29.90 -23.41
CA VAL A 454 20.88 -30.93 -23.25
C VAL A 454 20.30 -32.33 -23.36
N MET A 455 18.99 -32.50 -23.18
CA MET A 455 18.37 -33.81 -23.29
C MET A 455 18.41 -34.34 -24.72
N PHE A 456 18.03 -33.51 -25.69
CA PHE A 456 17.96 -33.96 -27.07
C PHE A 456 19.32 -34.12 -27.74
N ALA A 457 20.38 -33.57 -27.15
CA ALA A 457 21.70 -33.87 -27.69
C ALA A 457 22.10 -35.31 -27.40
N ARG A 458 21.57 -35.88 -26.31
CA ARG A 458 21.87 -37.25 -25.92
C ARG A 458 20.72 -38.23 -26.16
N CYS A 459 19.56 -37.80 -26.65
CA CYS A 459 18.42 -38.69 -26.89
C CYS A 459 18.15 -38.92 -28.38
N SER A 460 18.39 -40.15 -28.84
CA SER A 460 18.06 -40.52 -30.21
C SER A 460 16.65 -41.13 -30.38
N TYR A 461 16.29 -42.08 -29.53
CA TYR A 461 14.98 -42.75 -29.53
C TYR A 461 13.80 -41.84 -29.20
N VAL A 462 12.64 -42.23 -29.71
CA VAL A 462 11.37 -41.51 -29.55
C VAL A 462 10.24 -42.51 -29.35
N PHE A 463 9.33 -42.19 -28.41
CA PHE A 463 8.29 -43.09 -27.92
C PHE A 463 6.93 -42.53 -28.33
N LEU A 464 6.31 -43.15 -29.34
CA LEU A 464 4.99 -42.72 -29.82
C LEU A 464 4.39 -43.86 -30.61
N ASP A 465 3.12 -44.19 -30.34
CA ASP A 465 2.44 -45.31 -30.99
C ASP A 465 3.29 -46.59 -30.92
N GLY A 466 3.85 -46.84 -29.74
CA GLY A 466 4.82 -47.91 -29.62
C GLY A 466 6.25 -47.38 -29.68
N GLU A 467 7.18 -48.22 -29.25
CA GLU A 467 8.59 -47.86 -29.32
C GLU A 467 8.98 -47.63 -30.77
N GLU A 468 9.53 -46.47 -31.07
CA GLU A 468 9.92 -46.12 -32.43
C GLU A 468 11.41 -45.85 -32.52
N LYS A 469 11.97 -46.21 -33.67
CA LYS A 469 13.38 -46.02 -33.96
C LYS A 469 13.75 -44.54 -33.79
N PRO A 470 15.00 -44.24 -33.34
CA PRO A 470 15.42 -42.84 -33.34
C PRO A 470 15.27 -42.15 -34.69
N MET A 471 14.54 -41.03 -34.70
CA MET A 471 14.30 -40.25 -35.91
C MET A 471 15.00 -38.91 -35.77
N THR A 472 16.24 -38.84 -36.27
CA THR A 472 16.98 -37.59 -36.27
C THR A 472 16.31 -36.54 -37.16
N GLU A 473 15.62 -36.98 -38.22
CA GLU A 473 14.97 -36.07 -39.14
C GLU A 473 13.46 -36.27 -39.14
N GLU A 474 12.74 -35.15 -39.14
CA GLU A 474 11.28 -34.97 -39.13
C GLU A 474 10.77 -35.03 -37.70
N ILE A 475 11.63 -35.31 -36.71
CA ILE A 475 11.23 -35.27 -35.32
C ILE A 475 11.96 -34.17 -34.54
N LEU A 476 13.09 -33.67 -35.05
CA LEU A 476 13.79 -32.60 -34.33
C LEU A 476 13.17 -31.25 -34.64
N ALA A 477 12.66 -31.06 -35.85
CA ALA A 477 12.09 -29.77 -36.22
C ALA A 477 10.77 -29.54 -35.52
N LYS A 478 9.92 -30.57 -35.45
CA LYS A 478 8.61 -30.42 -34.80
C LYS A 478 8.73 -30.27 -33.28
N LEU A 479 9.79 -30.79 -32.66
CA LEU A 479 9.99 -30.47 -31.25
C LEU A 479 10.86 -29.24 -31.06
N LYS A 480 11.55 -28.79 -32.11
CA LYS A 480 12.17 -27.47 -32.07
C LYS A 480 11.10 -26.41 -32.26
N GLU A 481 10.19 -26.66 -33.22
CA GLU A 481 9.03 -25.79 -33.43
C GLU A 481 8.18 -25.73 -32.16
N THR A 482 7.95 -26.87 -31.51
CA THR A 482 7.24 -26.85 -30.25
C THR A 482 8.07 -26.16 -29.16
N ASN A 483 9.36 -26.48 -29.08
CA ASN A 483 10.24 -25.78 -28.15
C ASN A 483 10.22 -24.27 -28.40
N GLU A 484 10.38 -23.86 -29.66
CA GLU A 484 10.54 -22.43 -29.95
C GLU A 484 9.22 -21.68 -29.78
N GLU A 485 8.11 -22.26 -30.25
CA GLU A 485 6.81 -21.62 -30.01
C GLU A 485 6.54 -21.56 -28.52
N PHE A 486 6.93 -22.60 -27.79
CA PHE A 486 6.89 -22.54 -26.33
C PHE A 486 7.85 -21.47 -25.80
N SER A 487 9.11 -21.52 -26.23
CA SER A 487 10.12 -20.58 -25.77
C SER A 487 9.85 -19.15 -26.22
N ASN A 488 8.95 -18.94 -27.17
CA ASN A 488 8.50 -17.58 -27.47
C ASN A 488 7.37 -17.13 -26.56
N GLN A 489 6.57 -18.08 -26.04
CA GLN A 489 5.64 -17.82 -24.96
C GLN A 489 6.28 -17.88 -23.58
N ALA A 490 7.61 -17.96 -23.51
CA ALA A 490 8.34 -17.80 -22.25
C ALA A 490 8.03 -18.93 -21.27
N LEU A 491 7.92 -20.15 -21.79
CA LEU A 491 7.56 -21.30 -20.99
C LEU A 491 8.81 -22.12 -20.68
N ARG A 492 8.92 -22.57 -19.44
CA ARG A 492 10.04 -23.43 -19.05
C ARG A 492 9.72 -24.86 -19.43
N VAL A 493 10.59 -25.48 -20.23
CA VAL A 493 10.32 -26.79 -20.79
C VAL A 493 11.29 -27.78 -20.16
N LEU A 494 10.83 -29.01 -19.95
CA LEU A 494 11.67 -30.10 -19.45
C LEU A 494 11.32 -31.38 -20.17
N ALA A 495 12.31 -32.27 -20.29
CA ALA A 495 12.14 -33.50 -21.06
C ALA A 495 11.94 -34.73 -20.19
N TYR A 496 11.03 -35.58 -20.66
CA TYR A 496 10.64 -36.81 -19.99
C TYR A 496 11.08 -38.03 -20.79
N GLY A 497 11.95 -38.87 -20.23
CA GLY A 497 12.43 -40.05 -20.93
C GLY A 497 12.03 -41.33 -20.21
N TYR A 498 11.92 -42.43 -20.97
CA TYR A 498 11.64 -43.73 -20.35
C TYR A 498 12.91 -44.53 -20.04
N LYS A 499 13.94 -44.49 -20.92
CA LYS A 499 15.25 -45.16 -20.67
C LYS A 499 15.14 -46.67 -20.42
N ARG A 500 14.32 -47.36 -21.19
CA ARG A 500 14.02 -48.78 -20.98
C ARG A 500 15.17 -49.76 -21.33
N MET A 501 16.23 -49.32 -22.02
CA MET A 501 17.31 -50.25 -22.39
C MET A 501 17.94 -51.09 -21.27
N PRO A 502 18.28 -50.58 -20.08
CA PRO A 502 18.89 -51.48 -19.06
C PRO A 502 17.93 -52.52 -18.50
N ALA A 503 18.48 -53.69 -18.20
CA ALA A 503 17.69 -54.79 -17.62
C ALA A 503 18.46 -55.48 -16.52
N ASP A 504 17.78 -55.72 -15.38
CA ASP A 504 18.34 -56.43 -14.22
C ASP A 504 19.66 -55.85 -13.74
N THR A 505 19.75 -54.52 -13.64
CA THR A 505 20.98 -53.88 -13.19
C THR A 505 20.95 -53.67 -11.68
N THR A 506 22.00 -54.15 -10.99
CA THR A 506 22.11 -54.02 -9.55
C THR A 506 22.18 -52.56 -9.10
N GLU A 507 22.95 -51.73 -9.83
CA GLU A 507 23.12 -50.32 -9.51
C GLU A 507 23.11 -49.51 -10.80
N LEU A 508 22.99 -48.19 -10.67
CA LEU A 508 22.87 -47.29 -11.82
C LEU A 508 24.19 -46.60 -12.11
N LYS A 509 24.67 -46.74 -13.34
CA LYS A 509 25.92 -46.13 -13.76
C LYS A 509 25.63 -44.91 -14.65
N LEU A 510 26.41 -43.85 -14.43
CA LEU A 510 26.27 -42.60 -15.16
C LEU A 510 26.58 -42.74 -16.65
N GLU A 511 27.41 -43.72 -17.02
CA GLU A 511 27.84 -43.86 -18.41
C GLU A 511 26.70 -44.07 -19.40
N ASP A 512 25.70 -44.88 -19.06
CA ASP A 512 24.61 -45.10 -20.02
C ASP A 512 23.57 -43.97 -20.01
N GLU A 513 23.97 -42.83 -20.57
CA GLU A 513 23.05 -41.71 -20.76
C GLU A 513 22.50 -41.64 -22.19
N GLN A 514 23.04 -42.47 -23.09
CA GLN A 514 22.68 -42.53 -24.50
C GLN A 514 21.45 -43.39 -24.77
N ASP A 515 20.99 -43.31 -26.01
CA ASP A 515 19.85 -44.08 -26.53
C ASP A 515 18.59 -43.93 -25.69
N ILE A 516 18.22 -42.67 -25.40
CA ILE A 516 17.08 -42.39 -24.55
C ILE A 516 15.79 -42.47 -25.37
N VAL A 517 14.70 -42.92 -24.74
CA VAL A 517 13.37 -42.90 -25.32
C VAL A 517 12.60 -41.80 -24.59
N LEU A 518 12.05 -40.85 -25.35
CA LEU A 518 11.39 -39.70 -24.75
C LEU A 518 9.89 -39.78 -25.01
N VAL A 519 9.12 -39.78 -23.91
CA VAL A 519 7.67 -39.85 -23.99
C VAL A 519 7.06 -38.57 -24.53
N GLY A 520 7.60 -37.43 -24.14
CA GLY A 520 7.02 -36.16 -24.56
C GLY A 520 7.66 -35.00 -23.83
N LEU A 521 7.01 -33.84 -23.96
CA LEU A 521 7.45 -32.62 -23.32
C LEU A 521 6.23 -31.80 -22.93
N THR A 522 6.31 -31.14 -21.78
CA THR A 522 5.33 -30.15 -21.38
C THR A 522 6.07 -28.90 -20.95
N ALA A 523 5.32 -27.80 -20.80
CA ALA A 523 5.93 -26.52 -20.48
C ALA A 523 5.02 -25.73 -19.55
N MET A 524 5.43 -25.59 -18.30
CA MET A 524 4.63 -24.94 -17.28
C MET A 524 5.09 -23.51 -17.06
N ILE A 525 4.22 -22.72 -16.45
CA ILE A 525 4.50 -21.30 -16.18
C ILE A 525 3.52 -20.85 -15.12
N ASP A 526 3.77 -19.71 -14.53
CA ASP A 526 2.94 -19.26 -13.43
C ASP A 526 1.75 -18.48 -13.98
N PRO A 527 0.51 -18.83 -13.63
CA PRO A 527 -0.65 -18.10 -14.13
C PRO A 527 -1.15 -17.09 -13.12
N PRO A 528 -1.74 -16.00 -13.57
CA PRO A 528 -2.20 -14.96 -12.66
C PRO A 528 -3.54 -15.31 -12.04
N ARG A 529 -3.96 -14.48 -11.07
CA ARG A 529 -5.23 -14.70 -10.41
C ARG A 529 -6.37 -14.73 -11.42
N GLU A 530 -7.43 -15.46 -11.09
CA GLU A 530 -8.58 -15.53 -11.98
C GLU A 530 -9.26 -14.18 -12.11
N ALA A 531 -9.14 -13.31 -11.10
CA ALA A 531 -9.87 -12.06 -11.06
C ALA A 531 -9.03 -10.84 -11.45
N VAL A 532 -7.80 -11.03 -11.90
CA VAL A 532 -6.97 -9.87 -12.26
C VAL A 532 -7.51 -9.24 -13.54
N TYR A 533 -7.90 -10.09 -14.50
CA TYR A 533 -8.43 -9.63 -15.79
C TYR A 533 -9.51 -8.58 -15.61
N ALA A 534 -10.42 -8.80 -14.66
CA ALA A 534 -11.45 -7.81 -14.32
C ALA A 534 -10.91 -6.60 -13.56
N SER A 535 -9.82 -6.72 -12.82
CA SER A 535 -9.38 -5.58 -12.03
C SER A 535 -8.42 -4.65 -12.77
N ILE A 536 -7.87 -5.07 -13.91
CA ILE A 536 -7.08 -4.15 -14.72
C ILE A 536 -7.92 -3.50 -15.80
N GLU A 537 -8.86 -4.24 -16.38
CA GLU A 537 -9.82 -3.66 -17.30
C GLU A 537 -10.71 -2.63 -16.60
N GLU A 538 -10.98 -2.82 -15.31
CA GLU A 538 -11.69 -1.80 -14.55
C GLU A 538 -10.76 -0.67 -14.11
N SER A 539 -9.50 -0.98 -13.81
CA SER A 539 -8.54 0.07 -13.45
C SER A 539 -8.33 1.03 -14.62
N LYS A 540 -8.06 0.48 -15.81
CA LYS A 540 -8.00 1.31 -17.02
C LYS A 540 -9.28 2.12 -17.17
N LYS A 541 -10.44 1.46 -17.03
CA LYS A 541 -11.74 2.12 -17.18
C LYS A 541 -12.06 3.05 -16.03
N ALA A 542 -11.29 3.03 -14.95
CA ALA A 542 -11.43 4.00 -13.87
C ALA A 542 -10.49 5.20 -14.03
N GLY A 543 -9.60 5.18 -15.01
CA GLY A 543 -8.70 6.28 -15.28
C GLY A 543 -7.38 6.20 -14.54
N ILE A 544 -7.12 5.12 -13.82
CA ILE A 544 -5.87 4.92 -13.12
C ILE A 544 -4.92 4.12 -14.00
N ARG A 545 -3.76 4.71 -14.29
CA ARG A 545 -2.73 4.07 -15.09
C ARG A 545 -2.00 3.03 -14.27
N THR A 546 -2.26 1.75 -14.56
CA THR A 546 -1.65 0.64 -13.83
C THR A 546 -0.32 0.27 -14.48
N VAL A 547 0.72 0.13 -13.65
CA VAL A 547 2.08 -0.13 -14.10
C VAL A 547 2.61 -1.32 -13.31
N MET A 548 3.60 -2.01 -13.89
CA MET A 548 4.16 -3.21 -13.28
C MET A 548 5.64 -3.00 -12.99
N ILE A 549 6.09 -3.45 -11.82
CA ILE A 549 7.50 -3.44 -11.46
C ILE A 549 7.81 -4.77 -10.78
N THR A 550 8.53 -5.64 -11.48
CA THR A 550 8.87 -6.96 -10.95
C THR A 550 10.36 -7.20 -11.15
N GLY A 551 10.87 -8.26 -10.51
CA GLY A 551 12.29 -8.54 -10.61
C GLY A 551 12.62 -9.87 -11.24
N ASP A 552 11.75 -10.37 -12.12
CA ASP A 552 11.90 -11.66 -12.77
C ASP A 552 12.49 -11.46 -14.17
N HIS A 553 12.73 -12.57 -14.88
CA HIS A 553 13.34 -12.49 -16.21
C HIS A 553 12.49 -11.65 -17.15
N LYS A 554 13.15 -10.99 -18.09
CA LYS A 554 12.43 -10.20 -19.08
C LYS A 554 11.55 -11.09 -19.95
N THR A 555 12.05 -12.30 -20.25
CA THR A 555 11.28 -13.25 -21.08
C THR A 555 9.91 -13.52 -20.45
N THR A 556 9.88 -13.82 -19.15
CA THR A 556 8.60 -14.00 -18.46
C THR A 556 7.83 -12.68 -18.35
N ALA A 557 8.56 -11.57 -18.29
CA ALA A 557 7.88 -10.28 -18.08
C ALA A 557 7.17 -9.83 -19.36
N GLN A 558 7.71 -10.19 -20.52
CA GLN A 558 7.10 -9.78 -21.79
C GLN A 558 5.69 -10.35 -21.93
N ALA A 559 5.52 -11.64 -21.63
CA ALA A 559 4.20 -12.26 -21.73
C ALA A 559 3.23 -11.73 -20.70
N ILE A 560 3.69 -11.58 -19.45
CA ILE A 560 2.81 -11.01 -18.44
C ILE A 560 2.50 -9.58 -18.83
N GLY A 561 1.20 -9.26 -18.89
CA GLY A 561 0.72 -8.00 -19.36
C GLY A 561 0.25 -8.05 -20.80
N ARG A 562 0.81 -8.97 -21.60
CA ARG A 562 0.25 -9.24 -22.91
C ARG A 562 -1.09 -9.95 -22.77
N ASP A 563 -1.17 -10.84 -21.78
CA ASP A 563 -2.40 -11.59 -21.53
C ASP A 563 -3.51 -10.67 -21.02
N ILE A 564 -3.22 -9.87 -19.99
CA ILE A 564 -4.24 -8.99 -19.43
C ILE A 564 -4.54 -7.80 -20.34
N GLY A 565 -3.64 -7.49 -21.27
CA GLY A 565 -3.79 -6.35 -22.17
C GLY A 565 -3.13 -5.09 -21.67
N LEU A 566 -2.26 -5.19 -20.66
CA LEU A 566 -1.54 -4.03 -20.15
C LEU A 566 -0.62 -3.43 -21.20
N MET A 567 0.13 -4.27 -21.90
CA MET A 567 1.07 -3.85 -22.92
C MET A 567 0.94 -4.67 -24.20
N ASP A 568 1.32 -4.05 -25.32
CA ASP A 568 1.28 -4.70 -26.62
C ASP A 568 2.38 -5.75 -26.76
N ALA A 569 2.16 -6.68 -27.69
CA ALA A 569 3.15 -7.74 -27.90
C ALA A 569 4.49 -7.16 -28.33
N ASP A 570 4.47 -6.15 -29.21
CA ASP A 570 5.71 -5.52 -29.65
C ASP A 570 6.45 -4.84 -28.49
N ASP A 571 5.69 -4.18 -27.60
CA ASP A 571 6.24 -3.49 -26.43
C ASP A 571 7.31 -4.32 -25.75
N ILE A 572 8.40 -3.67 -25.38
CA ILE A 572 9.55 -4.28 -24.73
C ILE A 572 9.68 -3.65 -23.35
N ALA A 573 9.97 -4.49 -22.35
CA ALA A 573 10.17 -3.98 -21.00
C ALA A 573 11.62 -3.60 -20.80
N LEU A 574 11.85 -2.76 -19.80
CA LEU A 574 13.19 -2.28 -19.48
C LEU A 574 13.82 -3.10 -18.36
N THR A 575 15.13 -3.31 -18.47
CA THR A 575 15.88 -4.08 -17.48
C THR A 575 16.32 -3.14 -16.37
N GLY A 576 16.68 -3.72 -15.22
CA GLY A 576 17.19 -2.90 -14.14
C GLY A 576 18.56 -2.30 -14.44
N GLN A 577 19.37 -3.00 -15.23
CA GLN A 577 20.64 -2.42 -15.66
C GLN A 577 20.43 -1.16 -16.50
N GLU A 578 19.39 -1.12 -17.31
CA GLU A 578 19.10 0.08 -18.08
C GLU A 578 18.72 1.25 -17.18
N LEU A 579 17.98 0.97 -16.11
CA LEU A 579 17.66 2.03 -15.15
C LEU A 579 18.89 2.43 -14.35
N ASP A 580 19.83 1.50 -14.16
CA ASP A 580 21.09 1.82 -13.50
C ASP A 580 21.87 2.88 -14.28
N ALA A 581 21.81 2.83 -15.60
CA ALA A 581 22.52 3.78 -16.45
C ALA A 581 21.70 5.00 -16.83
N MET A 582 20.37 4.92 -16.75
CA MET A 582 19.52 6.06 -17.12
C MET A 582 19.46 7.07 -15.98
N PRO A 583 19.95 8.29 -16.17
CA PRO A 583 19.81 9.30 -15.11
C PRO A 583 18.38 9.83 -15.02
N GLU A 584 18.14 10.73 -14.07
CA GLU A 584 16.79 11.27 -13.90
C GLU A 584 16.43 12.27 -14.99
N GLU A 585 17.42 12.85 -15.67
CA GLU A 585 17.16 13.91 -16.64
C GLU A 585 16.15 13.44 -17.70
N GLU A 586 16.38 12.27 -18.29
CA GLU A 586 15.42 11.73 -19.25
C GLU A 586 14.54 10.66 -18.62
N LEU A 587 14.81 10.27 -17.37
CA LEU A 587 13.94 9.33 -16.67
C LEU A 587 12.48 9.75 -16.80
N ASP A 588 12.15 10.95 -16.31
CA ASP A 588 10.78 11.44 -16.44
C ASP A 588 10.41 11.66 -17.91
N LYS A 589 11.41 11.82 -18.80
CA LYS A 589 11.13 11.88 -20.22
C LYS A 589 10.61 10.54 -20.70
N LYS A 590 11.25 9.46 -20.26
CA LYS A 590 10.81 8.10 -20.53
C LYS A 590 9.66 7.67 -19.65
N LEU A 591 9.37 8.41 -18.56
CA LEU A 591 8.61 7.88 -17.42
C LEU A 591 7.16 7.57 -17.75
N GLU A 592 6.53 8.37 -18.60
CA GLU A 592 5.12 8.09 -18.86
C GLU A 592 4.96 6.76 -19.58
N HIS A 593 5.82 6.49 -20.54
CA HIS A 593 5.74 5.28 -21.37
C HIS A 593 6.64 4.12 -20.89
N ILE A 594 7.26 4.25 -19.72
CA ILE A 594 8.09 3.17 -19.17
C ILE A 594 7.30 1.87 -19.12
N ALA A 595 6.10 1.92 -18.54
CA ALA A 595 5.15 0.81 -18.44
C ALA A 595 5.81 -0.34 -17.70
N VAL A 596 5.70 -1.57 -18.17
CA VAL A 596 6.28 -2.72 -17.50
C VAL A 596 7.80 -2.71 -17.45
N TYR A 597 8.33 -3.16 -16.31
CA TYR A 597 9.75 -3.32 -16.02
C TYR A 597 10.08 -4.79 -15.93
N ALA A 598 11.35 -5.10 -15.65
CA ALA A 598 11.79 -6.49 -15.57
C ALA A 598 13.14 -6.57 -14.89
N ARG A 599 13.29 -7.59 -14.05
CA ARG A 599 14.56 -7.93 -13.40
C ARG A 599 15.18 -6.70 -12.72
N VAL A 600 14.45 -6.20 -11.72
CA VAL A 600 14.83 -4.97 -11.04
C VAL A 600 15.18 -5.33 -9.60
N SER A 601 16.00 -4.51 -9.00
CA SER A 601 16.39 -4.66 -7.61
C SER A 601 15.38 -3.98 -6.72
N PRO A 602 15.43 -4.21 -5.40
CA PRO A 602 14.53 -3.45 -4.53
C PRO A 602 14.79 -1.95 -4.60
N GLU A 603 16.07 -1.56 -4.74
CA GLU A 603 16.40 -0.16 -4.97
C GLU A 603 15.67 0.40 -6.19
N ASN A 604 15.58 -0.39 -7.26
CA ASN A 604 14.91 0.05 -8.48
C ASN A 604 13.42 0.32 -8.24
N LYS A 605 12.75 -0.57 -7.49
CA LYS A 605 11.30 -0.41 -7.32
C LYS A 605 10.95 0.91 -6.65
N ILE A 606 11.67 1.26 -5.58
CA ILE A 606 11.33 2.45 -4.82
C ILE A 606 11.65 3.73 -5.59
N ARG A 607 12.65 3.70 -6.47
CA ARG A 607 12.94 4.90 -7.25
C ARG A 607 11.84 5.23 -8.25
N ILE A 608 11.17 4.21 -8.81
CA ILE A 608 10.12 4.45 -9.79
C ILE A 608 8.99 5.27 -9.18
N VAL A 609 8.50 4.84 -8.01
CA VAL A 609 7.42 5.55 -7.32
C VAL A 609 7.83 6.99 -7.01
N LYS A 610 9.12 7.23 -6.79
CA LYS A 610 9.56 8.59 -6.49
C LYS A 610 9.52 9.49 -7.72
N ALA A 611 9.82 8.93 -8.90
CA ALA A 611 9.76 9.73 -10.12
C ALA A 611 8.32 9.88 -10.61
N TRP A 612 7.45 8.92 -10.30
CA TRP A 612 6.03 9.07 -10.59
C TRP A 612 5.39 10.14 -9.73
N GLN A 613 5.85 10.28 -8.48
CA GLN A 613 5.35 11.35 -7.61
C GLN A 613 5.86 12.72 -8.05
N LYS A 614 7.09 12.80 -8.58
CA LYS A 614 7.56 14.06 -9.13
C LYS A 614 6.66 14.57 -10.25
N LYS A 615 6.05 13.66 -11.01
CA LYS A 615 5.14 14.05 -12.07
C LYS A 615 3.78 14.51 -11.53
N GLY A 616 3.69 14.70 -10.21
CA GLY A 616 2.47 15.18 -9.58
C GLY A 616 1.40 14.13 -9.38
N LYS A 617 1.41 13.05 -10.16
CA LYS A 617 0.40 12.00 -9.98
C LYS A 617 0.67 11.22 -8.70
N ILE A 618 -0.35 11.11 -7.86
CA ILE A 618 -0.27 10.34 -6.63
C ILE A 618 -0.47 8.86 -6.95
N THR A 619 0.45 8.03 -6.47
CA THR A 619 0.63 6.66 -6.92
C THR A 619 0.27 5.66 -5.82
N ALA A 620 0.25 4.39 -6.21
CA ALA A 620 -0.03 3.30 -5.29
C ALA A 620 0.80 2.08 -5.68
N MET A 621 1.19 1.29 -4.66
CA MET A 621 2.04 0.13 -4.86
C MET A 621 1.42 -1.10 -4.20
N THR A 622 1.42 -2.22 -4.92
CA THR A 622 0.95 -3.50 -4.39
C THR A 622 2.07 -4.52 -4.51
N GLY A 623 2.40 -5.19 -3.41
CA GLY A 623 3.48 -6.16 -3.45
C GLY A 623 3.41 -7.19 -2.34
N ASP A 624 4.50 -7.91 -2.18
CA ASP A 624 4.64 -8.97 -1.17
C ASP A 624 6.12 -9.16 -0.85
N GLY A 625 6.42 -10.27 -0.19
CA GLY A 625 7.79 -10.64 0.15
C GLY A 625 8.51 -9.59 0.95
N VAL A 626 9.81 -9.43 0.67
CA VAL A 626 10.59 -8.43 1.38
C VAL A 626 11.11 -7.38 0.41
N ASN A 627 11.28 -7.77 -0.85
CA ASN A 627 11.76 -6.83 -1.86
C ASN A 627 10.78 -5.68 -2.10
N ASP A 628 9.48 -5.97 -2.14
CA ASP A 628 8.46 -4.96 -2.36
C ASP A 628 8.36 -3.94 -1.22
N ALA A 629 8.89 -4.27 -0.03
CA ALA A 629 8.68 -3.42 1.15
C ALA A 629 9.13 -1.96 0.97
N PRO A 630 10.29 -1.64 0.37
CA PRO A 630 10.61 -0.22 0.18
C PRO A 630 9.62 0.49 -0.74
N ALA A 631 9.16 -0.17 -1.80
CA ALA A 631 8.18 0.46 -2.67
C ALA A 631 6.85 0.65 -1.96
N LEU A 632 6.54 -0.21 -0.98
CA LEU A 632 5.32 -0.04 -0.20
C LEU A 632 5.44 1.13 0.77
N LYS A 633 6.61 1.29 1.40
CA LYS A 633 6.77 2.35 2.40
C LYS A 633 6.79 3.72 1.75
N GLN A 634 7.39 3.83 0.55
CA GLN A 634 7.50 5.11 -0.12
C GLN A 634 6.23 5.50 -0.84
N ALA A 635 5.50 4.52 -1.38
CA ALA A 635 4.29 4.83 -2.13
C ALA A 635 3.30 5.57 -1.25
N ASP A 636 2.44 6.37 -1.90
CA ASP A 636 1.43 7.12 -1.17
C ASP A 636 0.43 6.19 -0.50
N ILE A 637 0.25 4.97 -1.03
CA ILE A 637 -0.48 3.93 -0.33
C ILE A 637 -0.03 2.55 -0.80
N GLY A 638 0.37 1.70 0.14
CA GLY A 638 0.95 0.40 -0.18
C GLY A 638 0.03 -0.73 0.25
N VAL A 639 -0.19 -1.66 -0.68
CA VAL A 639 -1.05 -2.82 -0.44
C VAL A 639 -0.18 -4.07 -0.37
N ALA A 640 -0.60 -5.02 0.46
CA ALA A 640 0.12 -6.28 0.64
C ALA A 640 -0.85 -7.45 0.54
N MET A 641 -0.31 -8.62 0.17
CA MET A 641 -1.09 -9.83 0.01
C MET A 641 -1.14 -10.63 1.30
N GLY A 642 -2.19 -11.45 1.44
CA GLY A 642 -2.29 -12.32 2.58
C GLY A 642 -1.23 -13.39 2.62
N SER A 643 -0.83 -13.90 1.45
CA SER A 643 0.23 -14.89 1.37
C SER A 643 1.61 -14.27 1.53
N GLY A 644 1.74 -12.96 1.30
CA GLY A 644 3.04 -12.32 1.39
C GLY A 644 3.65 -12.46 2.77
N THR A 645 4.99 -12.36 2.80
CA THR A 645 5.72 -12.50 4.04
C THR A 645 5.30 -11.42 5.03
N ASP A 646 5.54 -11.68 6.31
CA ASP A 646 5.21 -10.70 7.34
C ASP A 646 5.98 -9.40 7.18
N VAL A 647 6.95 -9.34 6.27
CA VAL A 647 7.70 -8.11 6.02
C VAL A 647 6.84 -7.10 5.26
N ALA A 648 6.42 -7.46 4.05
CA ALA A 648 5.52 -6.60 3.30
C ALA A 648 4.16 -6.49 3.97
N LYS A 649 3.74 -7.52 4.68
CA LYS A 649 2.48 -7.46 5.41
C LYS A 649 2.51 -6.35 6.46
N ASP A 650 3.66 -6.18 7.11
CA ASP A 650 3.82 -5.22 8.19
C ASP A 650 4.28 -3.84 7.71
N SER A 651 4.58 -3.69 6.42
CA SER A 651 5.02 -2.41 5.87
C SER A 651 4.07 -1.88 4.81
N ALA A 652 2.78 -2.18 4.93
CA ALA A 652 1.80 -1.75 3.94
C ALA A 652 0.64 -1.05 4.61
N ALA A 653 0.09 -0.05 3.93
CA ALA A 653 -1.06 0.69 4.44
C ALA A 653 -2.35 -0.09 4.32
N MET A 654 -2.36 -1.19 3.56
CA MET A 654 -3.52 -2.05 3.43
C MET A 654 -3.01 -3.48 3.20
N ILE A 655 -3.65 -4.45 3.83
CA ILE A 655 -3.27 -5.85 3.75
C ILE A 655 -4.53 -6.68 3.47
N LEU A 656 -4.69 -7.10 2.22
CA LEU A 656 -5.83 -7.91 1.83
C LEU A 656 -5.51 -9.38 2.10
N THR A 657 -6.21 -9.94 3.10
CA THR A 657 -6.03 -11.33 3.50
C THR A 657 -6.65 -12.33 2.52
N ASP A 658 -7.83 -11.99 1.97
CA ASP A 658 -8.55 -12.90 1.08
C ASP A 658 -7.77 -13.25 -0.18
N ASP A 659 -6.93 -12.35 -0.68
CA ASP A 659 -6.17 -12.49 -1.92
C ASP A 659 -7.04 -12.06 -3.10
N ASN A 660 -8.23 -11.52 -2.83
CA ASN A 660 -9.16 -11.08 -3.85
C ASN A 660 -8.75 -9.71 -4.38
N PHE A 661 -8.11 -9.70 -5.55
CA PHE A 661 -7.55 -8.48 -6.10
C PHE A 661 -8.65 -7.44 -6.35
N VAL A 662 -9.78 -7.87 -6.91
CA VAL A 662 -10.85 -6.94 -7.30
C VAL A 662 -11.16 -5.93 -6.22
N SER A 663 -10.98 -6.31 -4.94
CA SER A 663 -11.25 -5.40 -3.84
C SER A 663 -10.34 -4.18 -3.85
N ILE A 664 -9.25 -4.17 -4.63
CA ILE A 664 -8.43 -2.97 -4.75
C ILE A 664 -9.13 -1.92 -5.60
N VAL A 665 -9.69 -2.34 -6.73
CA VAL A 665 -10.40 -1.38 -7.56
C VAL A 665 -11.69 -0.98 -6.86
N ASP A 666 -12.27 -1.92 -6.10
CA ASP A 666 -13.41 -1.59 -5.25
C ASP A 666 -13.02 -0.55 -4.22
N ALA A 667 -11.79 -0.63 -3.72
CA ALA A 667 -11.31 0.33 -2.74
C ALA A 667 -11.19 1.72 -3.33
N VAL A 668 -10.81 1.82 -4.60
CA VAL A 668 -10.75 3.12 -5.25
C VAL A 668 -12.15 3.71 -5.39
N GLY A 669 -13.18 2.87 -5.46
CA GLY A 669 -14.53 3.37 -5.45
C GLY A 669 -14.92 3.95 -4.11
N VAL A 670 -14.39 3.39 -3.03
CA VAL A 670 -14.70 3.91 -1.69
C VAL A 670 -13.99 5.23 -1.45
N GLY A 671 -12.73 5.35 -1.89
CA GLY A 671 -11.96 6.54 -1.60
C GLY A 671 -12.52 7.78 -2.27
N ARG A 672 -12.98 7.64 -3.52
CA ARG A 672 -13.58 8.77 -4.20
C ARG A 672 -14.90 9.18 -3.56
N THR A 673 -15.65 8.22 -3.03
CA THR A 673 -16.88 8.53 -2.31
C THR A 673 -16.59 9.08 -0.92
N VAL A 674 -15.54 8.56 -0.27
CA VAL A 674 -15.17 9.08 1.05
C VAL A 674 -14.87 10.56 0.97
N PHE A 675 -14.05 10.97 0.01
CA PHE A 675 -13.74 12.39 -0.13
C PHE A 675 -14.95 13.20 -0.60
N ASP A 676 -15.80 12.60 -1.45
CA ASP A 676 -17.00 13.31 -1.90
C ASP A 676 -17.88 13.69 -0.71
N ASN A 677 -17.93 12.84 0.32
CA ASN A 677 -18.67 13.19 1.52
C ASN A 677 -17.88 14.21 2.35
N ILE A 678 -16.61 13.92 2.61
CA ILE A 678 -15.78 14.82 3.42
C ILE A 678 -15.81 16.23 2.85
N LYS A 679 -15.55 16.36 1.55
CA LYS A 679 -15.64 17.68 0.92
C LYS A 679 -17.02 18.28 1.12
N LYS A 680 -18.07 17.56 0.76
CA LYS A 680 -19.43 18.00 1.06
C LYS A 680 -19.60 18.27 2.55
N SER A 681 -18.97 17.47 3.41
CA SER A 681 -19.14 17.63 4.85
C SER A 681 -18.35 18.83 5.36
N ILE A 682 -17.07 18.93 4.98
CA ILE A 682 -16.28 20.09 5.38
C ILE A 682 -16.84 21.37 4.75
N ALA A 683 -17.52 21.26 3.61
CA ALA A 683 -18.22 22.41 3.06
C ALA A 683 -19.34 22.88 3.99
N TYR A 684 -19.94 21.94 4.72
CA TYR A 684 -21.00 22.27 5.67
C TYR A 684 -20.46 22.97 6.91
N LEU A 685 -19.47 22.36 7.57
CA LEU A 685 -18.98 22.90 8.84
C LEU A 685 -18.40 24.31 8.70
N PHE A 686 -17.65 24.60 7.63
CA PHE A 686 -17.15 25.98 7.50
C PHE A 686 -18.23 26.95 7.07
N ALA A 687 -19.20 26.51 6.28
CA ALA A 687 -20.26 27.44 5.85
C ALA A 687 -20.99 28.01 7.04
N GLY A 688 -21.20 27.20 8.08
CA GLY A 688 -21.76 27.72 9.32
C GLY A 688 -20.79 28.63 10.05
N ASN A 689 -19.49 28.29 10.03
CA ASN A 689 -18.48 29.14 10.66
C ASN A 689 -18.40 30.51 10.01
N LEU A 690 -18.81 30.64 8.75
CA LEU A 690 -18.67 31.92 8.05
C LEU A 690 -19.72 32.91 8.54
N GLY A 691 -20.99 32.55 8.41
CA GLY A 691 -22.06 33.44 8.86
C GLY A 691 -21.95 33.83 10.32
N ALA A 692 -21.33 32.97 11.14
CA ALA A 692 -21.10 33.34 12.53
C ALA A 692 -20.06 34.45 12.65
N ILE A 693 -19.07 34.48 11.76
CA ILE A 693 -18.13 35.59 11.78
C ILE A 693 -18.79 36.84 11.21
N ILE A 694 -19.66 36.68 10.21
CA ILE A 694 -20.34 37.83 9.62
C ILE A 694 -21.21 38.53 10.65
N ALA A 695 -21.88 37.76 11.50
CA ALA A 695 -22.71 38.37 12.54
C ALA A 695 -21.85 38.99 13.64
N ILE A 696 -20.65 38.46 13.89
CA ILE A 696 -19.77 39.10 14.86
C ILE A 696 -19.20 40.40 14.30
N LEU A 697 -19.07 40.49 12.98
CA LEU A 697 -18.43 41.67 12.40
C LEU A 697 -19.43 42.80 12.24
N PHE A 698 -20.60 42.51 11.64
CA PHE A 698 -21.65 43.52 11.62
C PHE A 698 -22.01 43.98 13.02
N ALA A 699 -22.02 43.06 13.99
CA ALA A 699 -22.30 43.49 15.36
C ALA A 699 -21.21 44.40 15.89
N LEU A 700 -20.01 44.37 15.29
CA LEU A 700 -18.95 45.25 15.72
C LEU A 700 -19.01 46.62 15.07
N VAL A 701 -19.58 46.72 13.86
CA VAL A 701 -19.64 48.02 13.18
C VAL A 701 -20.64 48.96 13.84
N LEU A 702 -21.61 48.44 14.59
CA LEU A 702 -22.55 49.28 15.30
C LEU A 702 -22.34 49.26 16.81
N ASP A 703 -21.18 48.81 17.26
CA ASP A 703 -20.82 48.74 18.68
C ASP A 703 -21.86 47.92 19.46
N TRP A 704 -22.50 46.97 18.79
CA TRP A 704 -23.39 46.05 19.49
C TRP A 704 -22.55 45.10 20.35
N ILE A 705 -23.10 44.75 21.52
CA ILE A 705 -22.42 43.81 22.40
C ILE A 705 -22.22 42.52 21.62
N ASN A 706 -21.03 41.93 21.76
CA ASN A 706 -20.71 40.77 20.93
C ASN A 706 -21.75 39.66 21.09
N PRO A 707 -22.24 39.13 19.98
CA PRO A 707 -23.21 38.03 20.02
C PRO A 707 -22.61 36.71 20.47
N PHE A 708 -23.44 35.95 21.18
CA PHE A 708 -23.21 34.57 21.65
C PHE A 708 -22.17 34.45 22.74
N THR A 709 -21.79 35.54 23.39
CA THR A 709 -20.82 35.57 24.49
C THR A 709 -19.54 34.84 24.07
N ALA A 710 -18.99 33.97 24.91
CA ALA A 710 -17.77 33.23 24.60
C ALA A 710 -17.92 31.72 24.63
N LEU A 711 -18.41 31.16 25.73
CA LEU A 711 -18.55 29.71 25.82
C LEU A 711 -19.54 29.17 24.81
N GLN A 712 -20.67 29.85 24.64
CA GLN A 712 -21.69 29.42 23.70
C GLN A 712 -21.12 29.12 22.32
N LEU A 713 -20.20 29.97 21.84
CA LEU A 713 -19.62 29.76 20.52
C LEU A 713 -18.86 28.46 20.43
N LEU A 714 -18.10 28.14 21.47
CA LEU A 714 -17.34 26.90 21.47
C LEU A 714 -18.24 25.67 21.49
N PHE A 715 -19.34 25.75 22.26
CA PHE A 715 -20.29 24.64 22.40
C PHE A 715 -20.85 24.18 21.05
N ILE A 716 -21.34 25.11 20.25
CA ILE A 716 -21.97 24.75 18.98
C ILE A 716 -21.00 24.04 18.05
N ASN A 717 -19.80 24.60 17.87
CA ASN A 717 -18.83 23.99 16.98
C ASN A 717 -18.34 22.61 17.48
N LEU A 718 -18.03 22.48 18.77
CA LEU A 718 -17.50 21.19 19.26
C LEU A 718 -18.49 20.03 19.16
N VAL A 719 -19.75 20.23 19.56
CA VAL A 719 -20.69 19.10 19.53
C VAL A 719 -21.98 19.30 18.74
N ASN A 720 -22.48 20.53 18.68
CA ASN A 720 -23.73 20.75 17.98
C ASN A 720 -23.62 20.43 16.50
N ASP A 721 -22.50 20.80 15.87
CA ASP A 721 -22.33 20.55 14.44
C ASP A 721 -21.60 19.26 14.12
N SER A 722 -21.21 18.48 15.13
CA SER A 722 -20.48 17.26 14.83
C SER A 722 -21.44 16.18 14.31
N LEU A 723 -22.67 16.17 14.83
CA LEU A 723 -23.62 15.13 14.45
C LEU A 723 -24.06 15.25 13.00
N PRO A 724 -24.46 16.42 12.49
CA PRO A 724 -24.83 16.49 11.07
C PRO A 724 -23.63 16.32 10.14
N ALA A 725 -22.45 16.76 10.55
CA ALA A 725 -21.26 16.60 9.71
C ALA A 725 -21.00 15.14 9.41
N ILE A 726 -21.21 14.27 10.39
CA ILE A 726 -21.07 12.84 10.16
C ILE A 726 -22.19 12.33 9.26
N ALA A 727 -23.38 12.91 9.36
CA ALA A 727 -24.50 12.46 8.53
C ALA A 727 -24.21 12.69 7.05
N LEU A 728 -23.77 13.89 6.70
CA LEU A 728 -23.33 14.14 5.32
C LEU A 728 -22.21 13.19 4.93
N GLY A 729 -21.31 12.87 5.86
CA GLY A 729 -20.23 11.94 5.61
C GLY A 729 -20.70 10.55 5.22
N MET A 730 -22.01 10.32 5.20
CA MET A 730 -22.56 9.02 4.84
C MET A 730 -23.63 9.13 3.75
N GLU A 731 -23.56 10.17 2.91
CA GLU A 731 -24.54 10.31 1.86
C GLU A 731 -24.28 9.24 0.80
N LYS A 732 -25.26 9.03 -0.10
CA LYS A 732 -25.12 7.99 -1.11
C LYS A 732 -23.94 8.24 -2.05
N ALA A 733 -23.40 7.12 -2.53
CA ALA A 733 -22.17 7.05 -3.32
C ALA A 733 -22.21 7.80 -4.65
N GLU A 734 -23.37 7.81 -5.34
CA GLU A 734 -23.42 8.39 -6.68
C GLU A 734 -22.34 7.71 -7.52
N PRO A 735 -22.46 6.37 -7.69
CA PRO A 735 -21.43 5.57 -8.38
C PRO A 735 -21.05 6.02 -9.78
N ASP A 736 -21.95 6.67 -10.52
CA ASP A 736 -21.59 7.13 -11.85
C ASP A 736 -20.38 8.06 -11.80
N VAL A 737 -20.30 8.90 -10.76
CA VAL A 737 -19.14 9.78 -10.54
C VAL A 737 -17.82 8.99 -10.58
N MET A 738 -17.85 7.71 -10.22
CA MET A 738 -16.63 6.89 -10.17
C MET A 738 -15.93 6.77 -11.53
N LYS A 739 -16.69 6.80 -12.63
CA LYS A 739 -16.09 6.66 -13.96
C LYS A 739 -15.09 7.77 -14.27
N ARG A 740 -15.31 8.98 -13.76
CA ARG A 740 -14.44 10.10 -14.06
C ARG A 740 -13.00 9.87 -13.58
N LYS A 741 -12.07 10.49 -14.30
CA LYS A 741 -10.64 10.37 -14.05
C LYS A 741 -10.25 10.89 -12.67
N PRO A 742 -9.20 10.29 -12.04
CA PRO A 742 -8.78 10.66 -10.68
C PRO A 742 -8.73 12.16 -10.43
N ARG A 743 -9.20 12.60 -9.28
CA ARG A 743 -9.18 14.02 -8.94
C ARG A 743 -7.74 14.52 -8.82
N ASP A 744 -7.52 15.74 -9.29
CA ASP A 744 -6.20 16.35 -9.21
C ASP A 744 -5.88 16.73 -7.77
N ILE A 745 -4.62 16.57 -7.39
CA ILE A 745 -4.23 16.82 -6.00
C ILE A 745 -4.01 18.31 -5.80
N ASN A 746 -4.30 19.11 -6.83
CA ASN A 746 -4.03 20.53 -6.81
C ASN A 746 -5.25 21.38 -6.53
N GLU A 747 -6.43 20.94 -6.94
CA GLU A 747 -7.63 21.75 -6.74
C GLU A 747 -7.90 21.93 -5.25
N GLY A 748 -8.47 23.08 -4.92
CA GLY A 748 -8.87 23.38 -3.55
C GLY A 748 -10.01 22.52 -3.05
N ILE A 749 -10.20 22.57 -1.73
CA ILE A 749 -11.27 21.79 -1.11
C ILE A 749 -12.62 22.21 -1.65
N PHE A 750 -12.76 23.49 -1.99
CA PHE A 750 -14.01 24.05 -2.50
C PHE A 750 -14.12 23.96 -4.02
N ALA A 751 -13.16 23.32 -4.67
CA ALA A 751 -13.16 23.17 -6.12
C ALA A 751 -14.33 22.30 -6.57
N GLY A 752 -14.75 22.50 -7.81
CA GLY A 752 -15.88 21.80 -8.35
C GLY A 752 -17.17 22.59 -8.26
N GLY A 753 -17.07 23.87 -7.91
CA GLY A 753 -18.21 24.75 -7.78
C GLY A 753 -18.79 24.78 -6.40
N THR A 754 -18.23 24.01 -5.47
CA THR A 754 -18.72 24.04 -4.09
C THR A 754 -18.49 25.42 -3.49
N MET A 755 -17.32 26.02 -3.79
CA MET A 755 -16.97 27.34 -3.30
C MET A 755 -18.13 28.31 -3.41
N ARG A 756 -18.71 28.44 -4.61
CA ARG A 756 -19.84 29.33 -4.83
C ARG A 756 -21.06 28.93 -3.99
N ALA A 757 -21.13 27.68 -3.56
CA ALA A 757 -22.21 27.24 -2.70
C ALA A 757 -21.89 27.45 -1.23
N VAL A 758 -20.62 27.31 -0.84
CA VAL A 758 -20.25 27.54 0.55
C VAL A 758 -20.38 29.01 0.89
N ILE A 759 -19.99 29.89 -0.04
CA ILE A 759 -20.11 31.31 0.21
C ILE A 759 -21.58 31.72 0.26
N SER A 760 -22.40 31.12 -0.61
CA SER A 760 -23.81 31.47 -0.64
C SER A 760 -24.51 31.10 0.67
N ARG A 761 -24.27 29.88 1.17
CA ARG A 761 -24.88 29.47 2.42
C ARG A 761 -24.38 30.32 3.60
N GLY A 762 -23.07 30.55 3.66
CA GLY A 762 -22.50 31.32 4.75
C GLY A 762 -22.97 32.76 4.80
N VAL A 763 -23.49 33.27 3.68
CA VAL A 763 -24.01 34.63 3.65
C VAL A 763 -25.42 34.66 4.21
N LEU A 764 -26.30 33.82 3.65
CA LEU A 764 -27.68 33.77 4.08
C LEU A 764 -27.80 33.50 5.58
N ILE A 765 -26.80 32.82 6.16
CA ILE A 765 -26.78 32.61 7.60
C ILE A 765 -26.68 33.93 8.34
N GLY A 766 -25.60 34.68 8.10
CA GLY A 766 -25.38 35.93 8.79
C GLY A 766 -26.49 36.96 8.57
N ILE A 767 -27.15 36.90 7.42
CA ILE A 767 -28.25 37.83 7.16
C ILE A 767 -29.33 37.69 8.24
N ALA A 768 -29.74 36.46 8.52
CA ALA A 768 -30.81 36.24 9.49
C ALA A 768 -30.35 36.53 10.91
N VAL A 769 -29.14 36.08 11.27
CA VAL A 769 -28.62 36.31 12.62
C VAL A 769 -28.54 37.79 12.93
N ILE A 770 -28.29 38.63 11.92
CA ILE A 770 -28.27 40.07 12.14
C ILE A 770 -29.66 40.62 12.37
N ILE A 771 -30.65 40.15 11.60
CA ILE A 771 -32.02 40.64 11.77
C ILE A 771 -32.53 40.34 13.17
N SER A 772 -32.27 39.12 13.64
CA SER A 772 -32.70 38.76 14.99
C SER A 772 -32.01 39.62 16.03
N GLN A 773 -30.74 39.95 15.81
CA GLN A 773 -30.06 40.87 16.72
C GLN A 773 -30.68 42.26 16.67
N TYR A 774 -31.11 42.70 15.48
CA TYR A 774 -31.82 43.97 15.39
C TYR A 774 -33.15 43.89 16.14
N ILE A 775 -33.95 42.87 15.84
CA ILE A 775 -35.16 42.66 16.63
C ILE A 775 -34.80 42.47 18.09
N GLY A 776 -33.66 41.83 18.36
CA GLY A 776 -33.24 41.67 19.74
C GLY A 776 -32.75 42.97 20.37
N MET A 777 -31.87 43.69 19.66
CA MET A 777 -31.34 44.92 20.23
C MET A 777 -32.41 46.00 20.39
N GLN A 778 -33.44 46.00 19.55
CA GLN A 778 -34.50 46.98 19.71
C GLN A 778 -35.23 46.75 21.03
N ILE A 779 -35.54 45.49 21.35
CA ILE A 779 -36.22 45.20 22.61
C ILE A 779 -35.28 45.39 23.79
N SER A 780 -34.11 44.75 23.77
CA SER A 780 -33.17 44.88 24.88
C SER A 780 -31.81 44.33 24.43
N PRO A 781 -30.72 44.77 25.09
CA PRO A 781 -29.41 44.18 24.76
C PRO A 781 -29.33 42.71 25.15
N GLU A 782 -29.89 42.35 26.30
CA GLU A 782 -29.86 40.97 26.75
C GLU A 782 -30.50 40.04 25.72
N MET A 783 -31.62 40.47 25.15
CA MET A 783 -32.36 39.62 24.23
C MET A 783 -31.62 39.43 22.91
N SER A 784 -30.93 40.48 22.45
CA SER A 784 -30.17 40.38 21.20
C SER A 784 -29.14 39.28 21.25
N VAL A 785 -28.56 39.03 22.43
CA VAL A 785 -27.57 37.96 22.53
C VAL A 785 -28.21 36.59 22.38
N ALA A 786 -29.39 36.39 22.98
CA ALA A 786 -30.07 35.11 22.85
C ALA A 786 -30.76 34.96 21.51
N MET A 787 -31.54 35.98 21.10
CA MET A 787 -32.25 35.89 19.84
C MET A 787 -31.31 35.81 18.65
N ALA A 788 -30.08 36.31 18.77
CA ALA A 788 -29.11 36.08 17.71
C ALA A 788 -28.59 34.67 17.79
N PHE A 789 -28.27 34.19 18.99
CA PHE A 789 -27.78 32.83 19.15
C PHE A 789 -28.85 31.79 18.81
N THR A 790 -30.08 32.04 19.23
CA THR A 790 -31.17 31.14 18.87
C THR A 790 -31.23 30.98 17.36
N THR A 791 -31.37 32.10 16.65
CA THR A 791 -31.47 32.04 15.19
C THR A 791 -30.23 31.39 14.57
N LEU A 792 -29.05 31.54 15.18
CA LEU A 792 -27.85 30.94 14.59
C LEU A 792 -27.85 29.42 14.72
N ILE A 793 -27.83 28.91 15.95
CA ILE A 793 -27.67 27.47 16.16
C ILE A 793 -28.82 26.69 15.55
N LEU A 794 -29.97 27.32 15.37
CA LEU A 794 -31.05 26.68 14.61
C LEU A 794 -30.79 26.76 13.12
N ALA A 795 -30.25 27.89 12.64
CA ALA A 795 -30.00 28.02 11.21
C ALA A 795 -28.94 27.04 10.73
N ARG A 796 -27.86 26.87 11.51
CA ARG A 796 -26.84 25.90 11.13
C ARG A 796 -27.34 24.47 11.27
N THR A 797 -28.33 24.23 12.13
CA THR A 797 -28.91 22.90 12.24
C THR A 797 -29.75 22.56 11.01
N LEU A 798 -30.56 23.51 10.54
CA LEU A 798 -31.38 23.29 9.36
C LEU A 798 -30.58 23.33 8.05
N GLN A 799 -29.32 23.72 8.10
CA GLN A 799 -28.51 23.82 6.88
C GLN A 799 -28.35 22.45 6.19
N THR A 800 -28.37 21.37 6.97
CA THR A 800 -28.09 20.04 6.43
C THR A 800 -28.93 19.68 5.21
N PHE A 801 -30.19 20.14 5.18
CA PHE A 801 -31.04 19.83 4.04
C PHE A 801 -30.52 20.44 2.76
N ALA A 802 -29.81 21.56 2.85
CA ALA A 802 -29.27 22.22 1.66
C ALA A 802 -27.93 21.66 1.23
N ALA A 803 -27.13 21.19 2.18
CA ALA A 803 -25.80 20.70 1.89
C ALA A 803 -25.77 19.26 1.41
N ARG A 804 -26.91 18.57 1.39
CA ARG A 804 -26.94 17.20 0.87
C ARG A 804 -26.33 17.11 -0.52
N SER A 805 -26.49 18.17 -1.31
CA SER A 805 -25.76 18.33 -2.57
C SER A 805 -25.80 19.80 -2.94
N ASN A 806 -24.65 20.34 -3.34
CA ASN A 806 -24.55 21.73 -3.74
C ASN A 806 -25.47 22.07 -4.91
N VAL A 807 -25.90 21.08 -5.70
CA VAL A 807 -26.81 21.32 -6.81
C VAL A 807 -28.10 20.49 -6.69
N GLN A 808 -28.47 20.06 -5.47
CA GLN A 808 -29.65 19.23 -5.28
C GLN A 808 -30.57 19.85 -4.23
N THR A 809 -31.86 19.57 -4.40
CA THR A 809 -32.91 19.97 -3.48
C THR A 809 -33.44 18.76 -2.71
N ALA A 810 -33.87 19.02 -1.47
CA ALA A 810 -34.34 17.95 -0.60
C ALA A 810 -35.60 17.33 -1.18
N PHE A 811 -36.49 18.16 -1.72
CA PHE A 811 -37.73 17.71 -2.32
C PHE A 811 -37.45 17.13 -3.70
N GLY A 812 -37.91 15.91 -3.93
CA GLY A 812 -37.73 15.21 -5.19
C GLY A 812 -36.47 14.38 -5.26
N ALA A 813 -35.56 14.54 -4.30
CA ALA A 813 -34.34 13.76 -4.21
C ALA A 813 -34.44 12.74 -3.10
N GLY A 814 -35.57 12.72 -2.40
CA GLY A 814 -35.80 11.81 -1.31
C GLY A 814 -35.55 12.47 0.04
N PHE A 815 -36.63 12.82 0.73
CA PHE A 815 -36.46 13.44 2.04
C PHE A 815 -35.97 12.39 3.02
N PHE A 816 -36.52 11.19 2.91
CA PHE A 816 -36.24 10.03 3.73
C PHE A 816 -35.11 9.21 3.13
N SER A 817 -34.47 9.72 2.06
CA SER A 817 -33.37 9.03 1.39
C SER A 817 -32.31 8.58 2.38
N ASN A 818 -31.83 9.49 3.21
CA ASN A 818 -30.89 9.17 4.26
C ASN A 818 -31.60 9.22 5.59
N LYS A 819 -31.51 8.13 6.36
CA LYS A 819 -32.17 8.06 7.66
C LYS A 819 -31.32 8.64 8.77
N TYR A 820 -30.01 8.81 8.53
CA TYR A 820 -29.12 9.35 9.54
C TYR A 820 -29.21 10.87 9.59
N VAL A 821 -29.40 11.51 8.43
CA VAL A 821 -29.55 12.95 8.40
C VAL A 821 -30.75 13.39 9.23
N ILE A 822 -31.90 12.77 8.98
CA ILE A 822 -33.08 13.06 9.78
C ILE A 822 -32.83 12.67 11.23
N GLY A 823 -32.12 11.55 11.45
CA GLY A 823 -31.79 11.17 12.81
C GLY A 823 -30.86 12.15 13.50
N ALA A 824 -29.97 12.78 12.75
CA ALA A 824 -29.02 13.72 13.34
C ALA A 824 -29.66 15.08 13.65
N VAL A 825 -30.54 15.55 12.77
CA VAL A 825 -31.24 16.81 13.03
C VAL A 825 -32.06 16.73 14.31
N LEU A 826 -32.73 15.61 14.55
CA LEU A 826 -33.54 15.48 15.75
C LEU A 826 -32.72 15.55 17.04
N LEU A 827 -31.44 15.19 16.99
CA LEU A 827 -30.65 15.20 18.21
C LEU A 827 -30.13 16.59 18.51
N CYS A 828 -29.89 17.40 17.47
CA CYS A 828 -29.50 18.79 17.70
C CYS A 828 -30.62 19.57 18.38
N PHE A 829 -31.87 19.26 18.02
CA PHE A 829 -33.01 19.91 18.68
C PHE A 829 -32.97 19.70 20.19
N VAL A 830 -32.59 18.50 20.62
CA VAL A 830 -32.54 18.21 22.05
C VAL A 830 -31.40 18.99 22.71
N LEU A 831 -30.25 19.07 22.05
CA LEU A 831 -29.16 19.86 22.59
C LEU A 831 -29.59 21.31 22.79
N TYR A 832 -30.28 21.89 21.81
CA TYR A 832 -30.84 23.22 22.00
C TYR A 832 -31.84 23.25 23.13
N GLY A 833 -32.61 22.17 23.29
CA GLY A 833 -33.52 22.10 24.42
C GLY A 833 -32.79 22.23 25.74
N ILE A 834 -31.63 21.60 25.87
CA ILE A 834 -30.87 21.66 27.11
C ILE A 834 -30.45 23.09 27.42
N THR A 835 -30.29 23.91 26.38
CA THR A 835 -29.95 25.30 26.60
C THR A 835 -31.05 26.03 27.37
N VAL A 836 -32.29 25.92 26.91
CA VAL A 836 -33.38 26.69 27.50
C VAL A 836 -33.73 26.26 28.91
N LEU A 837 -33.20 25.13 29.39
CA LEU A 837 -33.43 24.72 30.78
C LEU A 837 -33.04 25.83 31.74
N PRO A 838 -33.77 26.01 32.84
CA PRO A 838 -33.40 27.05 33.81
C PRO A 838 -32.09 26.75 34.52
N GLY A 839 -31.80 25.48 34.78
CA GLY A 839 -30.54 25.14 35.42
C GLY A 839 -29.31 25.44 34.58
N ALA A 840 -29.49 25.59 33.26
CA ALA A 840 -28.40 25.86 32.34
C ALA A 840 -28.58 27.13 31.54
N ARG A 841 -29.72 27.81 31.68
CA ARG A 841 -29.93 29.07 30.98
C ARG A 841 -28.87 30.10 31.35
N GLU A 842 -28.44 30.09 32.61
CA GLU A 842 -27.49 31.08 33.11
C GLU A 842 -26.13 30.97 32.43
N ILE A 843 -25.52 29.80 32.46
CA ILE A 843 -24.17 29.61 31.93
C ILE A 843 -24.20 29.66 30.40
N PHE A 844 -25.39 29.81 29.82
CA PHE A 844 -25.50 29.96 28.38
C PHE A 844 -25.85 31.39 27.98
N SER A 845 -25.83 32.32 28.94
CA SER A 845 -26.08 33.73 28.67
C SER A 845 -27.40 33.95 27.93
N ILE A 846 -28.44 33.25 28.36
CA ILE A 846 -29.79 33.42 27.82
C ILE A 846 -30.63 34.14 28.86
N PRO A 847 -31.26 35.26 28.51
CA PRO A 847 -31.99 36.04 29.50
C PRO A 847 -33.15 35.27 30.13
N ALA A 848 -33.36 35.53 31.41
CA ALA A 848 -34.46 34.91 32.12
C ALA A 848 -35.79 35.31 31.51
N SER A 849 -35.91 36.59 31.14
CA SER A 849 -37.12 37.09 30.49
C SER A 849 -37.04 36.85 28.98
N PHE A 850 -37.11 35.57 28.64
CA PHE A 850 -37.10 35.10 27.26
C PHE A 850 -38.42 34.38 27.09
N GLY A 851 -39.15 34.68 26.00
CA GLY A 851 -40.45 34.10 25.81
C GLY A 851 -40.55 33.22 24.58
N LEU A 852 -41.77 32.73 24.36
CA LEU A 852 -42.01 31.77 23.31
C LEU A 852 -42.44 32.44 22.00
N HIS A 853 -43.16 33.56 22.10
CA HIS A 853 -43.48 34.35 20.92
C HIS A 853 -42.24 35.05 20.39
N GLU A 854 -41.30 35.38 21.29
CA GLU A 854 -40.03 35.95 20.88
C GLU A 854 -39.18 34.90 20.18
N TRP A 855 -39.03 33.74 20.81
CA TRP A 855 -38.41 32.59 20.16
C TRP A 855 -39.06 32.31 18.81
N SER A 856 -40.38 32.42 18.74
CA SER A 856 -41.09 32.20 17.49
C SER A 856 -40.53 33.10 16.39
N ILE A 857 -40.29 34.38 16.71
CA ILE A 857 -39.72 35.29 15.73
C ILE A 857 -38.31 34.86 15.35
N ALA A 858 -37.50 34.50 16.34
CA ALA A 858 -36.12 34.09 16.08
C ALA A 858 -36.05 32.82 15.25
N ALA A 859 -36.71 31.76 15.72
CA ALA A 859 -36.69 30.50 14.99
C ALA A 859 -37.25 30.65 13.59
N GLY A 860 -38.29 31.47 13.44
CA GLY A 860 -38.84 31.73 12.12
C GLY A 860 -37.86 32.39 11.19
N LEU A 861 -36.95 33.19 11.74
CA LEU A 861 -35.90 33.80 10.92
C LEU A 861 -34.88 32.75 10.49
N ALA A 862 -34.43 31.92 11.44
CA ALA A 862 -33.54 30.81 11.12
C ALA A 862 -34.14 29.86 10.10
N LEU A 863 -35.46 29.67 10.13
CA LEU A 863 -36.12 28.80 9.16
C LEU A 863 -35.99 29.37 7.75
N ALA A 864 -36.39 30.63 7.58
CA ALA A 864 -36.40 31.23 6.25
C ALA A 864 -35.01 31.27 5.63
N ALA A 865 -33.95 31.17 6.44
CA ALA A 865 -32.61 31.21 5.89
C ALA A 865 -32.34 30.01 4.98
N VAL A 866 -32.62 28.81 5.46
CA VAL A 866 -32.41 27.61 4.64
C VAL A 866 -33.37 27.58 3.46
N VAL A 867 -34.55 28.19 3.61
CA VAL A 867 -35.45 28.35 2.46
C VAL A 867 -34.76 29.14 1.35
N MET A 868 -33.94 30.12 1.73
CA MET A 868 -33.20 30.88 0.74
C MET A 868 -32.14 30.03 0.06
N MET A 869 -31.44 29.19 0.84
CA MET A 869 -30.51 28.24 0.26
C MET A 869 -31.18 27.31 -0.73
N GLU A 870 -32.45 26.96 -0.51
CA GLU A 870 -33.13 26.11 -1.47
C GLU A 870 -33.63 26.87 -2.70
N ILE A 871 -33.77 28.19 -2.62
CA ILE A 871 -34.21 28.94 -3.79
C ILE A 871 -33.01 29.47 -4.57
N ILE A 872 -31.79 29.04 -4.20
CA ILE A 872 -30.68 29.33 -5.09
C ILE A 872 -30.71 28.26 -6.17
N LYS A 873 -31.80 27.49 -6.21
CA LYS A 873 -31.94 26.49 -7.27
C LYS A 873 -31.96 27.17 -8.63
N VAL A 874 -32.64 28.32 -8.73
CA VAL A 874 -32.73 29.03 -9.99
C VAL A 874 -31.36 29.50 -10.47
N VAL A 875 -30.53 30.05 -9.56
CA VAL A 875 -29.20 30.47 -9.98
C VAL A 875 -28.39 29.25 -10.43
N GLN A 876 -28.48 28.16 -9.68
CA GLN A 876 -27.80 26.93 -10.08
C GLN A 876 -28.39 26.40 -11.38
N ASN A 877 -29.71 26.45 -11.52
CA ASN A 877 -30.37 26.04 -12.75
C ASN A 877 -29.97 26.93 -13.93
N LYS A 878 -29.90 28.24 -13.69
CA LYS A 878 -29.51 29.18 -14.74
C LYS A 878 -28.08 28.94 -15.22
N PHE A 879 -27.18 28.55 -14.31
CA PHE A 879 -25.78 28.34 -14.68
C PHE A 879 -25.62 27.26 -15.75
N PHE A 880 -26.40 26.18 -15.66
CA PHE A 880 -26.29 25.10 -16.65
C PHE A 880 -26.63 25.60 -18.06
N LYS A 881 -27.65 26.45 -18.18
CA LYS A 881 -28.05 27.01 -19.46
C LYS A 881 -28.55 28.43 -19.30
AL ALF B . 7.98 -9.94 -7.04
F1 ALF B . 6.99 -10.89 -8.21
F2 ALF B . 8.98 -9.00 -5.88
F3 ALF B . 8.48 -8.84 -8.37
F4 ALF B . 7.47 -11.05 -5.71
MG MG C . 6.11 -11.45 -4.70
#